data_5BOO
#
_entry.id   5BOO
#
_cell.length_a   89.257
_cell.length_b   89.257
_cell.length_c   275.610
_cell.angle_alpha   90.00
_cell.angle_beta   90.00
_cell.angle_gamma   120.00
#
_symmetry.space_group_name_H-M   'P 65'
#
loop_
_entity.id
_entity.type
_entity.pdbx_description
1 polymer 'Dihydroorotate dehydrogenase (quinone), mitochondrial'
2 non-polymer 2-(1,1-difluoroethyl)-5-methyl-N-[4-(pentafluoro-lambda~6~-sulfanyl)phenyl][1,2,4]triazolo[1,5-a]pyrimidin-7-amine
3 non-polymer 'FLAVIN MONONUCLEOTIDE'
4 non-polymer 'OROTIC ACID'
#
_entity_poly.entity_id   1
_entity_poly.type   'polypeptide(L)'
_entity_poly.pdbx_seq_one_letter_code
;MGSSHHHHHHSSGLVPRGSHMASMTGGQQGRDPFESYNPEFFLYDIFLKFCLKYIDGEICHDLFLLLGKYNILPYDTSND
SIYACTNIKHLDFINPFGVAAGFDKNGVCIDSILKLGFSFIEIGTITPRGQTGNAKPRIFRDVESRSIINSCGFNNMGCD
KVTENLILFRKRQEEDKLLSKHIVGVSIGKNKDTVNIVDDLKYCINKIGRYADYIAINVSSPNTPGLRDNQEAGKLKNII
LSVKEEIDNLEKNNIMNDEFLWFNTTKKKPLVFVKLAPDLNQEQKKEIADVLLETNIDGMIISNTTTQINDIKSFENKKG
GVSGAKLKDISTKFICEMYNYTNKQIPIIASGGIFSGLDALEKIEAGASVCQLYSCLVFNGMKSAVQIKRELNHLLYQRG
YYNLKEAIGRKHSKS
;
_entity_poly.pdbx_strand_id   A,B
#
loop_
_chem_comp.id
_chem_comp.type
_chem_comp.name
_chem_comp.formula
D65 non-polymer 2-(1,1-difluoroethyl)-5-methyl-N-[4-(pentafluoro-lambda~6~-sulfanyl)phenyl][1,2,4]triazolo[1,5-a]pyrimidin-7-amine 'C14 H12 F7 N5 S'
FMN non-polymer 'FLAVIN MONONUCLEOTIDE' 'C17 H21 N4 O9 P'
ORO non-polymer 'OROTIC ACID' 'C5 H4 N2 O4'
#
# COMPACT_ATOMS: atom_id res chain seq x y z
N ASN A 38 2.97 1.14 -15.18
CA ASN A 38 2.33 2.44 -15.32
C ASN A 38 3.12 3.36 -16.23
N PRO A 39 2.50 4.48 -16.66
CA PRO A 39 3.23 5.55 -17.35
C PRO A 39 4.20 6.29 -16.42
N GLU A 40 3.90 6.28 -15.12
CA GLU A 40 4.75 6.87 -14.11
C GLU A 40 6.19 6.34 -14.21
N PHE A 41 6.35 5.03 -14.07
CA PHE A 41 7.64 4.38 -14.31
C PHE A 41 8.24 4.74 -15.66
N PHE A 42 7.47 4.49 -16.72
CA PHE A 42 7.91 4.71 -18.10
C PHE A 42 8.46 6.11 -18.34
N LEU A 43 7.71 7.13 -17.91
CA LEU A 43 8.14 8.52 -18.06
C LEU A 43 9.44 8.81 -17.31
N TYR A 44 9.54 8.29 -16.09
CA TYR A 44 10.74 8.47 -15.27
C TYR A 44 11.97 7.81 -15.89
N ASP A 45 11.75 6.65 -16.51
CA ASP A 45 12.84 5.89 -17.08
C ASP A 45 13.42 6.59 -18.32
N ILE A 46 12.58 7.37 -19.00
CA ILE A 46 13.06 8.19 -20.10
C ILE A 46 14.00 9.27 -19.58
N PHE A 47 13.58 9.91 -18.50
CA PHE A 47 14.38 10.96 -17.86
C PHE A 47 15.72 10.41 -17.39
N LEU A 48 15.69 9.19 -16.86
CA LEU A 48 16.89 8.54 -16.38
C LEU A 48 17.86 8.17 -17.49
N LYS A 49 17.34 7.54 -18.54
CA LYS A 49 18.14 7.18 -19.71
C LYS A 49 18.83 8.41 -20.28
N PHE A 50 18.09 9.52 -20.34
CA PHE A 50 18.63 10.81 -20.74
C PHE A 50 19.76 11.27 -19.80
N CYS A 51 19.49 11.26 -18.51
CA CYS A 51 20.47 11.63 -17.50
C CYS A 51 21.73 10.76 -17.56
N LEU A 52 21.53 9.47 -17.84
CA LEU A 52 22.63 8.51 -17.91
C LEU A 52 23.57 8.86 -19.06
N LYS A 53 23.01 9.41 -20.13
CA LYS A 53 23.77 9.71 -21.34
C LYS A 53 24.64 10.96 -21.17
N TYR A 54 24.08 11.98 -20.54
CA TYR A 54 24.63 13.33 -20.53
C TYR A 54 25.37 13.70 -19.24
N ILE A 55 24.77 13.33 -18.11
CA ILE A 55 25.15 13.86 -16.80
C ILE A 55 26.07 12.92 -16.01
N ASP A 56 26.99 13.52 -15.23
CA ASP A 56 27.90 12.77 -14.35
C ASP A 56 27.17 11.79 -13.42
N GLY A 57 27.79 10.65 -13.16
CA GLY A 57 27.15 9.57 -12.42
C GLY A 57 26.71 9.93 -11.00
N GLU A 58 27.65 10.35 -10.17
CA GLU A 58 27.33 10.68 -8.78
C GLU A 58 26.34 11.83 -8.68
N ILE A 59 26.35 12.71 -9.67
CA ILE A 59 25.37 13.80 -9.74
C ILE A 59 23.99 13.24 -10.01
N CYS A 60 23.90 12.24 -10.87
CA CYS A 60 22.62 11.62 -11.19
C CYS A 60 22.11 10.90 -9.97
N HIS A 61 22.99 10.14 -9.35
CA HIS A 61 22.64 9.35 -8.18
C HIS A 61 22.02 10.22 -7.10
N ASP A 62 22.70 11.32 -6.78
CA ASP A 62 22.23 12.24 -5.75
C ASP A 62 20.92 12.91 -6.17
N LEU A 63 20.77 13.16 -7.48
CA LEU A 63 19.57 13.81 -7.98
C LEU A 63 18.34 12.96 -7.73
N PHE A 64 18.46 11.66 -7.99
CA PHE A 64 17.31 10.76 -7.91
C PHE A 64 17.07 10.35 -6.46
N LEU A 65 18.12 10.29 -5.66
CA LEU A 65 17.96 10.11 -4.23
C LEU A 65 17.14 11.25 -3.67
N LEU A 66 17.38 12.46 -4.18
CA LEU A 66 16.63 13.63 -3.74
C LEU A 66 15.16 13.52 -4.15
N LEU A 67 14.90 13.07 -5.37
CA LEU A 67 13.52 12.90 -5.83
C LEU A 67 12.82 11.89 -4.93
N GLY A 68 13.53 10.84 -4.56
CA GLY A 68 12.99 9.83 -3.67
C GLY A 68 12.74 10.40 -2.28
N LYS A 69 13.63 11.29 -1.85
CA LYS A 69 13.50 11.92 -0.54
C LYS A 69 12.24 12.77 -0.46
N TYR A 70 11.82 13.34 -1.59
CA TYR A 70 10.60 14.15 -1.62
C TYR A 70 9.41 13.35 -2.15
N ASN A 71 9.59 12.04 -2.26
CA ASN A 71 8.50 11.10 -2.43
C ASN A 71 7.68 11.37 -3.69
N ILE A 72 8.36 11.64 -4.80
CA ILE A 72 7.69 11.81 -6.09
C ILE A 72 8.01 10.67 -7.05
N LEU A 73 8.61 9.61 -6.55
CA LEU A 73 8.88 8.42 -7.36
C LEU A 73 7.66 7.51 -7.34
N PRO A 74 7.56 6.58 -8.31
CA PRO A 74 6.39 5.70 -8.32
C PRO A 74 6.44 4.58 -7.29
N TYR A 75 5.31 3.91 -7.09
CA TYR A 75 5.20 2.80 -6.15
C TYR A 75 4.89 1.51 -6.89
N ASP A 76 5.39 0.41 -6.36
CA ASP A 76 4.89 -0.91 -6.73
C ASP A 76 4.01 -1.39 -5.59
N THR A 77 2.70 -1.35 -5.81
CA THR A 77 1.72 -1.75 -4.80
C THR A 77 1.21 -3.16 -5.09
N SER A 78 1.92 -3.88 -5.94
CA SER A 78 1.50 -5.23 -6.31
C SER A 78 1.74 -6.17 -5.13
N ASN A 79 0.86 -7.17 -4.97
CA ASN A 79 1.14 -8.26 -4.06
C ASN A 79 2.25 -9.12 -4.63
N ASP A 80 3.21 -9.49 -3.79
CA ASP A 80 4.30 -10.33 -4.26
C ASP A 80 3.89 -11.80 -4.18
N SER A 81 4.40 -12.60 -5.10
CA SER A 81 4.14 -14.02 -5.12
C SER A 81 4.60 -14.66 -3.82
N ILE A 82 3.70 -15.36 -3.14
CA ILE A 82 4.07 -16.07 -1.92
C ILE A 82 5.01 -17.24 -2.24
N TYR A 83 5.18 -17.54 -3.52
CA TYR A 83 6.03 -18.65 -3.95
C TYR A 83 7.46 -18.16 -4.14
N ALA A 84 7.66 -16.85 -4.11
CA ALA A 84 9.00 -16.28 -4.18
C ALA A 84 9.38 -15.62 -2.86
N CYS A 85 8.88 -16.16 -1.75
CA CYS A 85 9.32 -15.73 -0.44
C CYS A 85 10.68 -16.34 -0.16
N THR A 86 11.40 -15.79 0.80
CA THR A 86 12.68 -16.35 1.19
C THR A 86 13.04 -15.85 2.58
N ASN A 87 14.04 -16.48 3.18
CA ASN A 87 14.50 -16.08 4.50
C ASN A 87 15.96 -16.40 4.75
N ILE A 88 16.50 -15.79 5.79
CA ILE A 88 17.83 -16.11 6.29
C ILE A 88 17.70 -16.27 7.80
N LYS A 89 17.74 -17.51 8.28
CA LYS A 89 17.31 -17.83 9.64
C LYS A 89 15.88 -17.32 9.86
N HIS A 90 15.62 -16.66 10.98
CA HIS A 90 14.26 -16.21 11.29
C HIS A 90 13.97 -14.82 10.71
N LEU A 91 14.86 -14.34 9.84
CA LEU A 91 14.67 -13.07 9.13
C LEU A 91 13.95 -13.31 7.80
N ASP A 92 12.71 -12.86 7.71
CA ASP A 92 11.88 -13.16 6.54
C ASP A 92 11.83 -11.99 5.55
N PHE A 93 11.87 -12.33 4.26
CA PHE A 93 11.76 -11.36 3.17
C PHE A 93 10.52 -11.65 2.33
N ILE A 94 9.72 -10.61 2.07
CA ILE A 94 8.48 -10.78 1.32
C ILE A 94 8.74 -11.11 -0.16
N ASN A 95 9.89 -10.68 -0.66
CA ASN A 95 10.36 -11.06 -1.99
C ASN A 95 11.89 -11.11 -1.97
N PRO A 96 12.51 -11.73 -2.98
CA PRO A 96 13.94 -12.02 -2.85
C PRO A 96 14.89 -10.91 -3.30
N PHE A 97 14.37 -9.74 -3.66
CA PHE A 97 15.19 -8.65 -4.17
C PHE A 97 15.27 -7.42 -3.25
N GLY A 98 16.50 -6.98 -3.00
CA GLY A 98 16.75 -5.78 -2.21
C GLY A 98 17.78 -4.89 -2.90
N VAL A 99 18.09 -3.77 -2.27
CA VAL A 99 19.13 -2.87 -2.78
C VAL A 99 20.39 -3.04 -1.94
N ALA A 100 21.54 -2.98 -2.60
CA ALA A 100 22.81 -3.27 -1.96
C ALA A 100 23.36 -2.04 -1.25
N ALA A 101 24.35 -2.26 -0.39
CA ALA A 101 25.02 -1.16 0.30
C ALA A 101 25.69 -0.22 -0.69
N GLY A 102 25.80 1.04 -0.31
CA GLY A 102 26.45 2.04 -1.14
C GLY A 102 25.49 2.81 -2.03
N PHE A 103 24.25 2.33 -2.11
CA PHE A 103 23.27 2.97 -2.98
C PHE A 103 22.64 4.13 -2.23
N ASP A 104 22.13 3.85 -1.02
CA ASP A 104 21.65 4.90 -0.13
C ASP A 104 22.51 4.88 1.13
N LYS A 105 23.72 5.40 0.99
CA LYS A 105 24.72 5.39 2.05
C LYS A 105 24.23 6.02 3.35
N ASN A 106 23.46 7.10 3.24
CA ASN A 106 23.09 7.88 4.42
C ASN A 106 21.65 7.65 4.88
N GLY A 107 20.96 6.70 4.26
CA GLY A 107 19.60 6.39 4.64
C GLY A 107 18.63 7.54 4.43
N VAL A 108 18.84 8.33 3.39
CA VAL A 108 18.00 9.51 3.16
C VAL A 108 16.77 9.18 2.32
N CYS A 109 16.79 8.01 1.68
CA CYS A 109 15.80 7.67 0.68
C CYS A 109 15.21 6.27 0.85
N ILE A 110 15.08 5.82 2.10
CA ILE A 110 14.76 4.43 2.38
C ILE A 110 13.33 4.07 1.96
N ASP A 111 12.37 4.95 2.22
CA ASP A 111 10.97 4.65 1.90
C ASP A 111 10.74 4.49 0.41
N SER A 112 11.21 5.47 -0.34
CA SER A 112 10.90 5.56 -1.76
C SER A 112 11.53 4.42 -2.54
N ILE A 113 12.73 4.03 -2.16
CA ILE A 113 13.43 2.93 -2.82
C ILE A 113 12.74 1.62 -2.50
N LEU A 114 12.37 1.41 -1.24
CA LEU A 114 11.70 0.18 -0.86
C LEU A 114 10.36 0.03 -1.59
N LYS A 115 9.70 1.15 -1.86
CA LYS A 115 8.37 1.13 -2.46
C LYS A 115 8.44 0.98 -3.97
N LEU A 116 9.65 0.88 -4.50
CA LEU A 116 9.83 0.57 -5.91
C LEU A 116 9.60 -0.93 -6.18
N GLY A 117 9.50 -1.71 -5.11
CA GLY A 117 9.20 -3.13 -5.20
C GLY A 117 10.18 -4.04 -4.47
N PHE A 118 11.09 -3.44 -3.72
CA PHE A 118 12.15 -4.20 -3.06
C PHE A 118 11.70 -4.66 -1.68
N SER A 119 12.18 -5.81 -1.25
CA SER A 119 11.80 -6.36 0.06
C SER A 119 12.70 -5.85 1.17
N PHE A 120 13.85 -5.31 0.79
CA PHE A 120 14.79 -4.82 1.80
C PHE A 120 15.86 -3.94 1.18
N ILE A 121 16.55 -3.21 2.03
CA ILE A 121 17.64 -2.35 1.60
C ILE A 121 18.76 -2.39 2.62
N GLU A 122 19.98 -2.24 2.14
CA GLU A 122 21.16 -2.18 2.99
C GLU A 122 21.74 -0.77 2.89
N ILE A 123 21.59 0.02 3.95
CA ILE A 123 22.16 1.36 3.94
C ILE A 123 23.63 1.31 4.38
N GLY A 124 24.28 2.47 4.34
CA GLY A 124 25.72 2.51 4.51
C GLY A 124 26.44 2.20 3.21
N THR A 125 27.72 1.84 3.26
CA THR A 125 28.46 1.67 4.51
C THR A 125 28.65 2.99 5.26
N ILE A 126 28.34 2.96 6.55
CA ILE A 126 28.56 4.11 7.42
C ILE A 126 29.83 3.93 8.24
N THR A 127 30.35 5.05 8.73
CA THR A 127 31.48 5.05 9.64
C THR A 127 31.12 5.92 10.84
N PRO A 128 31.81 5.72 11.98
CA PRO A 128 31.48 6.46 13.20
C PRO A 128 31.54 7.98 13.06
N ARG A 129 32.45 8.47 12.24
CA ARG A 129 32.56 9.91 11.95
C ARG A 129 32.42 10.16 10.47
N GLY A 130 31.80 11.29 10.13
CA GLY A 130 31.59 11.66 8.75
C GLY A 130 32.87 11.71 7.95
N GLN A 131 32.78 11.29 6.69
CA GLN A 131 33.90 11.38 5.74
C GLN A 131 33.46 12.07 4.47
N THR A 132 34.42 12.65 3.78
CA THR A 132 34.17 13.28 2.49
C THR A 132 34.39 12.28 1.38
N GLY A 133 35.25 11.29 1.62
CA GLY A 133 35.61 10.33 0.60
C GLY A 133 36.63 10.92 -0.34
N ASN A 134 37.04 10.13 -1.34
CA ASN A 134 38.07 10.56 -2.28
C ASN A 134 37.59 11.69 -3.18
N ALA A 135 38.47 12.16 -4.05
CA ALA A 135 38.18 13.31 -4.91
C ALA A 135 37.25 12.94 -6.06
N LYS A 136 36.43 13.90 -6.46
CA LYS A 136 35.47 13.70 -7.55
C LYS A 136 36.07 14.17 -8.87
N PRO A 137 35.67 13.56 -10.00
CA PRO A 137 34.72 12.45 -10.09
C PRO A 137 35.36 11.15 -9.64
N ARG A 138 34.57 10.27 -9.04
CA ARG A 138 35.08 9.03 -8.47
C ARG A 138 34.21 7.85 -8.87
N ILE A 139 33.17 8.11 -9.65
CA ILE A 139 32.32 7.06 -10.19
C ILE A 139 32.12 7.28 -11.69
N PHE A 140 32.37 6.24 -12.47
CA PHE A 140 32.16 6.28 -13.92
C PHE A 140 31.40 5.05 -14.39
N ARG A 141 30.64 5.22 -15.48
CA ARG A 141 29.80 4.15 -16.02
C ARG A 141 30.05 3.87 -17.50
N ASP A 142 30.18 2.59 -17.84
CA ASP A 142 30.21 2.18 -19.23
C ASP A 142 28.86 1.53 -19.57
N VAL A 143 28.11 2.18 -20.44
CA VAL A 143 26.75 1.76 -20.75
C VAL A 143 26.72 0.47 -21.55
N GLU A 144 27.57 0.38 -22.58
CA GLU A 144 27.56 -0.77 -23.47
C GLU A 144 27.80 -2.07 -22.70
N SER A 145 28.72 -2.03 -21.74
CA SER A 145 29.05 -3.22 -20.94
C SER A 145 28.17 -3.36 -19.71
N ARG A 146 27.34 -2.35 -19.44
CA ARG A 146 26.51 -2.31 -18.24
C ARG A 146 27.34 -2.51 -16.98
N SER A 147 28.41 -1.74 -16.86
CA SER A 147 29.35 -1.87 -15.75
C SER A 147 29.65 -0.50 -15.16
N ILE A 148 30.18 -0.52 -13.95
CA ILE A 148 30.50 0.69 -13.21
C ILE A 148 31.83 0.46 -12.53
N ILE A 149 32.59 1.54 -12.34
CA ILE A 149 33.75 1.50 -11.48
C ILE A 149 33.65 2.68 -10.53
N ASN A 150 34.09 2.49 -9.29
CA ASN A 150 34.02 3.55 -8.29
C ASN A 150 35.21 3.56 -7.35
N SER A 151 35.58 4.74 -6.90
CA SER A 151 36.52 4.90 -5.80
C SER A 151 36.00 5.95 -4.84
N CYS A 152 34.79 5.67 -4.31
CA CYS A 152 34.06 6.61 -3.46
C CYS A 152 34.89 6.85 -2.20
N GLY A 153 35.30 5.76 -1.55
CA GLY A 153 36.32 5.76 -0.53
C GLY A 153 36.05 6.14 0.91
N PHE A 154 34.83 6.55 1.16
CA PHE A 154 33.92 5.93 2.11
C PHE A 154 33.02 7.02 2.64
N ASN A 155 32.52 7.80 1.69
CA ASN A 155 31.70 8.94 1.96
C ASN A 155 30.38 8.57 2.58
N ASN A 156 30.09 9.23 3.69
CA ASN A 156 28.83 9.09 4.38
C ASN A 156 28.76 10.21 5.42
N MET A 157 27.56 10.46 5.94
CA MET A 157 27.33 11.57 6.86
C MET A 157 27.73 11.19 8.29
N GLY A 158 28.22 9.98 8.45
CA GLY A 158 28.61 9.44 9.73
C GLY A 158 27.46 8.76 10.44
N CYS A 159 27.81 7.81 11.30
CA CYS A 159 26.85 6.98 12.03
C CYS A 159 25.80 7.77 12.81
N ASP A 160 26.19 8.88 13.40
CA ASP A 160 25.29 9.63 14.28
C ASP A 160 24.11 10.16 13.46
N LYS A 161 24.43 10.89 12.40
CA LYS A 161 23.41 11.52 11.58
C LYS A 161 22.56 10.46 10.86
N VAL A 162 23.18 9.35 10.46
CA VAL A 162 22.49 8.31 9.70
C VAL A 162 21.55 7.56 10.62
N THR A 163 21.91 7.46 11.89
CA THR A 163 21.03 6.83 12.88
C THR A 163 19.77 7.64 13.06
N GLU A 164 19.89 8.97 12.98
CA GLU A 164 18.73 9.84 13.09
C GLU A 164 17.85 9.64 11.88
N ASN A 165 18.46 9.32 10.74
CA ASN A 165 17.71 9.13 9.51
C ASN A 165 16.98 7.80 9.54
N LEU A 166 17.64 6.79 10.08
CA LEU A 166 17.03 5.47 10.20
C LEU A 166 15.92 5.46 11.24
N ILE A 167 16.09 6.27 12.29
CA ILE A 167 15.06 6.40 13.32
C ILE A 167 13.80 7.03 12.71
N LEU A 168 13.98 8.13 11.99
CA LEU A 168 12.86 8.82 11.34
C LEU A 168 12.12 7.88 10.41
N PHE A 169 12.86 7.06 9.66
CA PHE A 169 12.24 6.08 8.80
C PHE A 169 11.40 5.12 9.63
N ARG A 170 12.01 4.60 10.71
CA ARG A 170 11.35 3.61 11.54
C ARG A 170 10.06 4.16 12.13
N LYS A 171 10.03 5.47 12.39
CA LYS A 171 8.81 6.13 12.82
C LYS A 171 7.79 6.18 11.68
N ARG A 172 8.26 6.47 10.48
CA ARG A 172 7.38 6.48 9.31
C ARG A 172 6.85 5.08 9.01
N GLN A 173 7.67 4.07 9.25
CA GLN A 173 7.27 2.69 8.96
C GLN A 173 6.10 2.21 9.82
N GLU A 174 5.86 2.86 10.96
CA GLU A 174 4.78 2.47 11.84
C GLU A 174 3.44 2.96 11.30
N GLU A 175 3.52 3.93 10.41
CA GLU A 175 2.35 4.62 9.89
C GLU A 175 2.04 4.21 8.45
N ASP A 176 3.05 3.67 7.75
CA ASP A 176 2.92 3.38 6.33
C ASP A 176 2.62 1.91 6.04
N LYS A 177 1.46 1.69 5.41
CA LYS A 177 1.02 0.35 5.02
C LYS A 177 2.01 -0.36 4.12
N LEU A 178 2.70 0.40 3.28
CA LEU A 178 3.56 -0.17 2.26
C LEU A 178 4.94 -0.54 2.75
N LEU A 179 5.30 -0.05 3.94
CA LEU A 179 6.62 -0.32 4.49
C LEU A 179 6.61 -1.48 5.48
N SER A 180 5.43 -2.00 5.77
CA SER A 180 5.32 -3.13 6.70
C SER A 180 6.12 -4.31 6.17
N LYS A 181 6.72 -5.07 7.08
CA LYS A 181 7.50 -6.26 6.73
C LYS A 181 8.70 -6.00 5.81
N HIS A 182 9.05 -4.75 5.59
CA HIS A 182 10.24 -4.44 4.79
C HIS A 182 11.45 -4.34 5.71
N ILE A 183 12.57 -4.89 5.24
CA ILE A 183 13.77 -5.08 6.05
C ILE A 183 14.81 -4.02 5.74
N VAL A 184 15.40 -3.45 6.78
CA VAL A 184 16.53 -2.54 6.61
C VAL A 184 17.78 -3.04 7.32
N GLY A 185 18.79 -3.41 6.53
CA GLY A 185 20.10 -3.72 7.07
C GLY A 185 20.99 -2.49 7.08
N VAL A 186 21.99 -2.48 7.94
CA VAL A 186 22.97 -1.40 7.98
C VAL A 186 24.37 -1.95 7.75
N SER A 187 25.05 -1.44 6.72
CA SER A 187 26.45 -1.77 6.46
C SER A 187 27.38 -0.86 7.26
N ILE A 188 28.34 -1.43 7.98
CA ILE A 188 29.21 -0.68 8.88
C ILE A 188 30.69 -0.97 8.60
N GLY A 189 31.52 0.05 8.73
CA GLY A 189 32.95 -0.06 8.47
C GLY A 189 33.71 0.97 9.28
N LYS A 190 35.04 1.04 9.13
CA LYS A 190 35.84 1.94 9.96
C LYS A 190 36.19 3.21 9.19
N ASN A 191 36.33 4.31 9.92
CA ASN A 191 36.82 5.57 9.35
C ASN A 191 38.18 5.34 8.68
N LYS A 192 38.55 6.23 7.77
CA LYS A 192 39.79 6.12 7.00
C LYS A 192 41.05 5.85 7.81
N ASP A 193 41.34 6.73 8.77
CA ASP A 193 42.62 6.71 9.47
C ASP A 193 42.53 6.08 10.86
N THR A 194 41.52 5.24 11.07
CA THR A 194 41.35 4.55 12.34
C THR A 194 42.24 3.32 12.44
N VAL A 195 43.01 3.26 13.53
CA VAL A 195 43.94 2.17 13.73
C VAL A 195 43.19 0.84 13.79
N ASN A 196 42.24 0.70 14.72
CA ASN A 196 41.46 -0.53 14.80
C ASN A 196 40.03 -0.47 14.28
N ILE A 197 39.66 -1.50 13.53
CA ILE A 197 38.37 -1.58 12.87
C ILE A 197 37.28 -1.70 13.93
N VAL A 198 37.53 -2.66 14.81
CA VAL A 198 36.62 -3.04 15.87
C VAL A 198 36.15 -1.83 16.69
N ASP A 199 37.03 -0.89 17.04
CA ASP A 199 36.56 0.20 17.88
C ASP A 199 35.53 1.04 17.12
N ASP A 200 35.71 1.14 15.79
CA ASP A 200 34.76 1.84 14.93
C ASP A 200 33.40 1.15 14.88
N LEU A 201 33.41 -0.17 14.64
CA LEU A 201 32.18 -0.92 14.48
C LEU A 201 31.43 -0.97 15.80
N LYS A 202 32.17 -1.01 16.90
CA LYS A 202 31.54 -1.07 18.20
C LYS A 202 30.74 0.20 18.46
N TYR A 203 31.30 1.33 18.04
CA TYR A 203 30.59 2.60 18.13
C TYR A 203 29.31 2.56 17.30
N CYS A 204 29.43 2.06 16.09
CA CYS A 204 28.28 2.00 15.18
C CYS A 204 27.14 1.15 15.71
N ILE A 205 27.47 -0.02 16.23
CA ILE A 205 26.46 -0.91 16.79
C ILE A 205 25.71 -0.25 17.93
N ASN A 206 26.44 0.32 18.88
CA ASN A 206 25.82 0.98 20.02
C ASN A 206 24.84 2.07 19.62
N LYS A 207 25.20 2.84 18.60
CA LYS A 207 24.35 3.95 18.15
C LYS A 207 23.15 3.48 17.33
N ILE A 208 23.39 2.60 16.34
CA ILE A 208 22.37 2.30 15.33
C ILE A 208 21.87 0.85 15.35
N GLY A 209 22.42 0.02 16.23
CA GLY A 209 22.11 -1.39 16.21
C GLY A 209 20.68 -1.72 16.61
N ARG A 210 20.04 -0.80 17.33
CA ARG A 210 18.68 -1.00 17.81
C ARG A 210 17.64 -0.85 16.71
N TYR A 211 18.04 -0.17 15.63
CA TYR A 211 17.13 0.16 14.54
C TYR A 211 17.38 -0.68 13.29
N ALA A 212 18.27 -1.66 13.41
CA ALA A 212 18.69 -2.47 12.28
C ALA A 212 18.12 -3.88 12.39
N ASP A 213 17.71 -4.44 11.25
CA ASP A 213 17.20 -5.81 11.21
C ASP A 213 18.37 -6.75 11.02
N TYR A 214 19.42 -6.25 10.40
CA TYR A 214 20.68 -6.98 10.34
C TYR A 214 21.84 -6.02 10.16
N ILE A 215 23.03 -6.52 10.46
CA ILE A 215 24.26 -5.74 10.36
C ILE A 215 25.18 -6.42 9.39
N ALA A 216 25.64 -5.64 8.42
CA ALA A 216 26.60 -6.15 7.46
C ALA A 216 27.93 -5.55 7.80
N ILE A 217 28.91 -6.43 7.97
CA ILE A 217 30.29 -6.04 8.20
C ILE A 217 31.02 -6.20 6.91
N ASN A 218 31.53 -5.13 6.32
CA ASN A 218 32.29 -5.35 5.11
C ASN A 218 33.74 -5.04 5.37
N VAL A 219 34.55 -6.08 5.22
CA VAL A 219 35.98 -5.92 5.25
C VAL A 219 36.38 -6.17 3.81
N SER A 220 35.43 -5.84 2.91
CA SER A 220 35.62 -6.05 1.49
C SER A 220 35.45 -4.77 0.72
N SER A 221 36.48 -3.96 0.60
CA SER A 221 36.30 -2.71 -0.12
C SER A 221 37.67 -2.33 -0.62
N PRO A 222 37.75 -1.98 -1.90
CA PRO A 222 39.05 -1.64 -2.46
C PRO A 222 39.36 -0.15 -2.43
N ASN A 223 38.56 0.64 -1.72
CA ASN A 223 38.73 2.09 -1.77
C ASN A 223 39.51 2.74 -0.62
N THR A 224 39.61 2.10 0.55
CA THR A 224 40.54 2.55 1.59
C THR A 224 41.62 1.51 1.92
N PRO A 225 42.90 1.94 1.96
CA PRO A 225 43.97 0.99 2.27
C PRO A 225 43.84 0.38 3.66
N GLY A 226 44.22 -0.88 3.79
CA GLY A 226 44.26 -1.53 5.09
C GLY A 226 42.96 -2.17 5.55
N LEU A 227 41.88 -1.96 4.81
CA LEU A 227 40.61 -2.57 5.16
C LEU A 227 40.64 -4.09 4.93
N ARG A 228 41.14 -4.47 3.76
CA ARG A 228 41.00 -5.84 3.28
C ARG A 228 41.93 -6.82 3.98
N ASP A 229 43.00 -6.32 4.59
CA ASP A 229 43.87 -7.16 5.39
C ASP A 229 43.12 -7.69 6.60
N ASN A 230 42.00 -7.07 6.92
CA ASN A 230 41.12 -7.55 8.00
C ASN A 230 40.40 -8.82 7.58
N GLN A 231 40.59 -9.22 6.33
CA GLN A 231 40.06 -10.49 5.85
C GLN A 231 40.94 -11.67 6.25
N GLU A 232 41.94 -11.47 7.13
CA GLU A 232 42.77 -12.64 7.44
C GLU A 232 41.83 -13.48 8.28
N ALA A 233 42.05 -14.79 8.43
CA ALA A 233 41.17 -15.48 9.36
C ALA A 233 41.23 -15.09 10.83
N GLY A 234 42.42 -14.76 11.32
CA GLY A 234 42.52 -14.36 12.70
C GLY A 234 41.91 -13.06 13.17
N LYS A 235 41.99 -12.08 12.28
CA LYS A 235 41.47 -10.76 12.55
C LYS A 235 39.98 -10.72 12.31
N LEU A 236 39.56 -11.60 11.39
CA LEU A 236 38.17 -11.69 11.01
C LEU A 236 37.39 -12.29 12.14
N LYS A 237 37.79 -13.49 12.54
CA LYS A 237 37.19 -14.14 13.69
C LYS A 237 37.06 -13.17 14.87
N ASN A 238 38.11 -12.39 15.09
CA ASN A 238 38.12 -11.39 16.15
C ASN A 238 37.00 -10.37 15.95
N ILE A 239 36.92 -9.83 14.74
CA ILE A 239 35.95 -8.80 14.40
C ILE A 239 34.54 -9.35 14.55
N ILE A 240 34.31 -10.50 13.93
CA ILE A 240 32.98 -11.12 13.93
C ILE A 240 32.48 -11.34 15.33
N LEU A 241 33.26 -12.04 16.14
CA LEU A 241 32.89 -12.26 17.53
C LEU A 241 32.54 -10.94 18.21
N SER A 242 33.46 -9.98 18.15
CA SER A 242 33.28 -8.68 18.80
C SER A 242 31.98 -8.00 18.41
N VAL A 243 31.51 -8.25 17.20
CA VAL A 243 30.27 -7.64 16.73
C VAL A 243 29.08 -8.34 17.38
N LYS A 244 29.10 -9.67 17.40
CA LYS A 244 28.03 -10.42 18.06
C LYS A 244 27.93 -10.06 19.53
N GLU A 245 29.07 -9.80 20.17
CA GLU A 245 29.08 -9.56 21.61
C GLU A 245 28.48 -8.20 21.90
N GLU A 246 28.79 -7.23 21.05
CA GLU A 246 28.23 -5.89 21.18
C GLU A 246 26.73 -5.87 20.99
N ILE A 247 26.26 -6.60 19.99
CA ILE A 247 24.83 -6.75 19.76
C ILE A 247 24.19 -7.42 20.97
N ASP A 248 24.82 -8.49 21.44
CA ASP A 248 24.32 -9.25 22.58
C ASP A 248 24.30 -8.36 23.83
N ASN A 249 25.22 -7.41 23.89
CA ASN A 249 25.32 -6.50 25.02
C ASN A 249 24.18 -5.49 25.04
N LEU A 250 23.71 -5.12 23.85
CA LEU A 250 22.57 -4.21 23.72
C LEU A 250 21.37 -4.81 24.45
N GLU A 251 21.17 -6.11 24.29
CA GLU A 251 20.07 -6.84 24.92
C GLU A 251 20.20 -6.83 26.44
N LYS A 252 21.41 -7.09 26.93
CA LYS A 252 21.67 -7.26 28.35
C LYS A 252 21.53 -6.00 29.19
N ASN A 253 21.94 -4.88 28.61
CA ASN A 253 22.08 -3.65 29.37
C ASN A 253 20.79 -2.85 29.39
N ASN A 254 19.89 -3.15 28.48
CA ASN A 254 18.60 -2.49 28.48
C ASN A 254 17.73 -3.32 29.43
N ILE A 255 16.67 -2.72 29.96
CA ILE A 255 15.80 -3.41 30.92
C ILE A 255 14.47 -3.68 30.31
N MET A 256 14.30 -3.28 29.05
CA MET A 256 13.00 -3.36 28.45
C MET A 256 12.89 -4.70 27.75
N ASN A 257 11.65 -5.10 27.48
CA ASN A 257 11.42 -6.32 26.71
C ASN A 257 11.77 -6.04 25.25
N ASP A 258 11.71 -7.06 24.41
CA ASP A 258 12.17 -6.91 23.04
C ASP A 258 11.28 -6.00 22.19
N GLU A 259 10.02 -5.87 22.57
CA GLU A 259 9.11 -5.01 21.83
C GLU A 259 9.62 -3.58 21.90
N PHE A 260 9.87 -3.10 23.11
CA PHE A 260 10.30 -1.72 23.34
C PHE A 260 11.81 -1.52 23.41
N LEU A 261 12.58 -2.41 22.80
CA LEU A 261 14.04 -2.31 22.78
C LEU A 261 14.57 -2.25 21.36
N TRP A 262 14.10 -3.19 20.55
CA TRP A 262 14.43 -3.25 19.13
C TRP A 262 13.44 -2.46 18.30
N PHE A 263 13.77 -1.21 18.01
CA PHE A 263 12.91 -0.34 17.22
C PHE A 263 13.17 -0.61 15.73
N ASN A 264 12.99 -1.86 15.32
CA ASN A 264 13.18 -2.29 13.94
C ASN A 264 11.96 -3.06 13.42
N THR A 265 12.16 -3.93 12.44
CA THR A 265 11.05 -4.67 11.83
C THR A 265 10.91 -6.03 12.48
N THR A 266 12.03 -6.68 12.75
CA THR A 266 12.03 -8.02 13.32
C THR A 266 11.59 -7.98 14.79
N LYS A 267 11.87 -6.85 15.45
CA LYS A 267 11.65 -6.71 16.89
C LYS A 267 12.51 -7.73 17.62
N LYS A 268 13.66 -8.02 17.03
CA LYS A 268 14.66 -8.89 17.63
C LYS A 268 16.03 -8.29 17.38
N LYS A 269 17.07 -8.86 18.00
CA LYS A 269 18.40 -8.32 17.82
C LYS A 269 18.81 -8.57 16.36
N PRO A 270 19.59 -7.65 15.77
CA PRO A 270 19.94 -7.75 14.36
C PRO A 270 20.83 -8.95 14.07
N LEU A 271 20.59 -9.60 12.94
CA LEU A 271 21.45 -10.67 12.48
C LEU A 271 22.79 -10.05 12.10
N VAL A 272 23.80 -10.90 11.92
CA VAL A 272 25.15 -10.46 11.59
C VAL A 272 25.59 -11.11 10.30
N PHE A 273 25.70 -10.30 9.24
CA PHE A 273 26.27 -10.78 7.99
C PHE A 273 27.67 -10.21 7.82
N VAL A 274 28.42 -10.80 6.89
CA VAL A 274 29.70 -10.25 6.47
C VAL A 274 29.77 -10.26 4.94
N LYS A 275 30.35 -9.21 4.37
CA LYS A 275 30.45 -9.08 2.93
C LYS A 275 31.89 -9.29 2.47
N LEU A 276 32.08 -10.14 1.46
CA LEU A 276 33.40 -10.54 0.99
C LEU A 276 33.71 -10.03 -0.41
N ALA A 277 34.96 -9.60 -0.61
CA ALA A 277 35.44 -9.24 -1.93
C ALA A 277 35.76 -10.51 -2.72
N PRO A 278 35.71 -10.44 -4.05
CA PRO A 278 35.92 -11.61 -4.90
C PRO A 278 37.39 -11.83 -5.25
N ASP A 279 38.24 -10.85 -4.91
CA ASP A 279 39.64 -10.92 -5.28
C ASP A 279 40.44 -11.63 -4.19
N LEU A 280 40.17 -12.91 -4.01
CA LEU A 280 40.92 -13.75 -3.08
C LEU A 280 41.36 -15.04 -3.77
N ASN A 281 42.33 -15.73 -3.20
CA ASN A 281 42.77 -17.01 -3.72
C ASN A 281 42.05 -18.15 -2.99
N GLN A 282 42.13 -19.35 -3.54
CA GLN A 282 41.35 -20.47 -3.02
C GLN A 282 41.65 -20.81 -1.56
N GLU A 283 42.86 -20.46 -1.10
CA GLU A 283 43.27 -20.77 0.26
C GLU A 283 42.66 -19.77 1.22
N GLN A 284 42.66 -18.50 0.82
CA GLN A 284 42.03 -17.45 1.60
C GLN A 284 40.57 -17.81 1.82
N LYS A 285 39.88 -18.13 0.73
CA LYS A 285 38.44 -18.40 0.78
C LYS A 285 38.10 -19.55 1.73
N LYS A 286 38.91 -20.61 1.74
CA LYS A 286 38.62 -21.76 2.61
C LYS A 286 38.97 -21.39 4.05
N GLU A 287 40.03 -20.60 4.22
CA GLU A 287 40.44 -20.15 5.55
C GLU A 287 39.29 -19.36 6.17
N ILE A 288 38.77 -18.41 5.39
CA ILE A 288 37.61 -17.63 5.81
C ILE A 288 36.40 -18.51 6.04
N ALA A 289 36.13 -19.40 5.08
CA ALA A 289 35.02 -20.35 5.18
C ALA A 289 34.96 -21.03 6.54
N ASP A 290 36.13 -21.41 7.07
CA ASP A 290 36.20 -22.01 8.40
C ASP A 290 35.71 -21.04 9.47
N VAL A 291 36.31 -19.85 9.49
CA VAL A 291 35.94 -18.79 10.44
C VAL A 291 34.43 -18.63 10.57
N LEU A 292 33.75 -18.40 9.46
CA LEU A 292 32.31 -18.12 9.47
C LEU A 292 31.54 -19.22 10.18
N LEU A 293 32.03 -20.45 10.09
CA LEU A 293 31.40 -21.58 10.76
C LEU A 293 31.66 -21.54 12.27
N GLU A 294 32.91 -21.32 12.65
CA GLU A 294 33.29 -21.31 14.06
C GLU A 294 32.54 -20.22 14.80
N THR A 295 32.35 -19.08 14.14
CA THR A 295 31.63 -17.95 14.71
C THR A 295 30.11 -18.12 14.61
N ASN A 296 29.68 -19.06 13.78
CA ASN A 296 28.25 -19.27 13.52
C ASN A 296 27.57 -18.00 13.03
N ILE A 297 28.17 -17.36 12.03
CA ILE A 297 27.66 -16.10 11.51
C ILE A 297 26.33 -16.36 10.81
N ASP A 298 25.53 -15.32 10.63
CA ASP A 298 24.13 -15.49 10.24
C ASP A 298 23.98 -15.54 8.72
N GLY A 299 24.97 -15.03 8.00
CA GLY A 299 24.94 -15.02 6.55
C GLY A 299 26.17 -14.35 5.97
N MET A 300 26.42 -14.57 4.68
CA MET A 300 27.53 -13.91 3.99
C MET A 300 27.06 -13.27 2.68
N ILE A 301 27.47 -12.02 2.47
CA ILE A 301 27.10 -11.28 1.25
C ILE A 301 28.18 -11.44 0.18
N ILE A 302 27.85 -12.19 -0.86
CA ILE A 302 28.78 -12.45 -1.95
C ILE A 302 28.25 -11.78 -3.23
N SER A 303 28.90 -10.75 -3.77
CA SER A 303 30.18 -10.22 -3.27
C SER A 303 30.24 -8.71 -3.44
N ASN A 304 31.42 -8.15 -3.20
CA ASN A 304 31.67 -6.74 -3.42
C ASN A 304 32.26 -6.53 -4.81
N THR A 305 32.80 -5.34 -5.07
CA THR A 305 33.38 -5.04 -6.37
C THR A 305 34.72 -5.74 -6.58
N THR A 306 35.22 -5.68 -7.81
CA THR A 306 36.46 -6.36 -8.18
C THR A 306 37.44 -5.43 -8.90
N THR A 307 38.72 -5.68 -8.70
CA THR A 307 39.79 -4.84 -9.24
C THR A 307 40.46 -5.52 -10.42
N GLN A 308 39.99 -6.74 -10.73
CA GLN A 308 40.67 -7.62 -11.67
C GLN A 308 40.02 -7.62 -13.06
N ILE A 309 39.41 -6.50 -13.43
CA ILE A 309 38.82 -6.36 -14.75
C ILE A 309 39.57 -5.31 -15.55
N ASN A 310 40.08 -5.71 -16.72
CA ASN A 310 40.95 -4.85 -17.53
C ASN A 310 40.45 -4.69 -18.97
N ASP A 311 39.34 -5.32 -19.30
CA ASP A 311 38.83 -5.32 -20.67
C ASP A 311 37.74 -4.29 -20.93
N ILE A 312 37.63 -3.30 -20.05
CA ILE A 312 36.70 -2.19 -20.24
C ILE A 312 37.49 -0.95 -20.67
N LYS A 313 37.24 -0.51 -21.90
CA LYS A 313 38.06 0.52 -22.53
C LYS A 313 37.98 1.89 -21.85
N SER A 314 36.77 2.33 -21.52
CA SER A 314 36.59 3.63 -20.88
C SER A 314 37.19 3.68 -19.48
N PHE A 315 37.48 2.52 -18.92
CA PHE A 315 37.91 2.40 -17.52
C PHE A 315 39.42 2.27 -17.34
N GLU A 316 40.17 2.21 -18.45
CA GLU A 316 41.61 1.97 -18.37
C GLU A 316 42.32 3.07 -17.61
N ASN A 317 41.80 4.29 -17.71
CA ASN A 317 42.34 5.43 -16.98
C ASN A 317 42.04 5.37 -15.47
N LYS A 318 41.14 4.48 -15.08
CA LYS A 318 40.46 4.59 -13.79
C LYS A 318 40.95 3.58 -12.75
N LYS A 319 40.96 4.03 -11.51
CA LYS A 319 41.15 3.16 -10.35
C LYS A 319 39.81 2.93 -9.68
N GLY A 320 39.71 1.88 -8.88
CA GLY A 320 38.52 1.60 -8.11
C GLY A 320 38.11 0.14 -8.22
N GLY A 321 36.89 -0.16 -7.80
CA GLY A 321 36.33 -1.49 -7.93
C GLY A 321 35.22 -1.51 -8.95
N VAL A 322 35.20 -2.55 -9.77
CA VAL A 322 34.23 -2.67 -10.84
C VAL A 322 33.00 -3.46 -10.39
N SER A 323 31.83 -3.03 -10.85
CA SER A 323 30.60 -3.76 -10.62
C SER A 323 29.75 -3.74 -11.89
N GLY A 324 28.71 -4.57 -11.91
CA GLY A 324 27.80 -4.64 -13.03
C GLY A 324 27.88 -5.98 -13.71
N ALA A 325 27.66 -6.00 -15.02
CA ALA A 325 27.56 -7.24 -15.79
C ALA A 325 28.86 -8.04 -15.75
N LYS A 326 29.98 -7.37 -15.96
CA LYS A 326 31.27 -8.05 -16.05
C LYS A 326 31.63 -8.76 -14.75
N LEU A 327 30.99 -8.37 -13.66
CA LEU A 327 31.22 -8.96 -12.35
C LEU A 327 30.35 -10.20 -12.12
N LYS A 328 29.40 -10.43 -13.03
CA LYS A 328 28.38 -11.44 -12.83
C LYS A 328 28.96 -12.84 -12.69
N ASP A 329 29.75 -13.27 -13.66
CA ASP A 329 30.28 -14.63 -13.69
C ASP A 329 31.30 -14.89 -12.57
N ILE A 330 32.10 -13.87 -12.26
CA ILE A 330 33.05 -13.97 -11.14
C ILE A 330 32.30 -14.15 -9.83
N SER A 331 31.29 -13.31 -9.62
CA SER A 331 30.48 -13.32 -8.42
C SER A 331 29.81 -14.68 -8.19
N THR A 332 29.13 -15.18 -9.22
CA THR A 332 28.41 -16.45 -9.14
C THR A 332 29.34 -17.58 -8.73
N LYS A 333 30.52 -17.66 -9.37
CA LYS A 333 31.50 -18.69 -9.03
C LYS A 333 31.84 -18.63 -7.55
N PHE A 334 32.07 -17.41 -7.07
CA PHE A 334 32.44 -17.19 -5.67
C PHE A 334 31.37 -17.74 -4.73
N ILE A 335 30.12 -17.72 -5.18
CA ILE A 335 29.03 -18.23 -4.36
C ILE A 335 29.12 -19.75 -4.29
N CYS A 336 29.37 -20.38 -5.44
CA CYS A 336 29.47 -21.84 -5.51
C CYS A 336 30.59 -22.32 -4.59
N GLU A 337 31.72 -21.64 -4.65
CA GLU A 337 32.89 -21.99 -3.84
C GLU A 337 32.54 -21.92 -2.36
N MET A 338 32.15 -20.74 -1.89
CA MET A 338 31.83 -20.55 -0.47
C MET A 338 30.66 -21.40 -0.01
N TYR A 339 29.74 -21.69 -0.92
CA TYR A 339 28.59 -22.52 -0.60
C TYR A 339 29.11 -23.93 -0.28
N ASN A 340 30.06 -24.39 -1.08
CA ASN A 340 30.70 -25.69 -0.87
C ASN A 340 31.61 -25.69 0.35
N TYR A 341 32.46 -24.68 0.47
CA TYR A 341 33.44 -24.60 1.56
C TYR A 341 32.77 -24.54 2.93
N THR A 342 31.63 -23.85 3.02
CA THR A 342 30.89 -23.78 4.27
C THR A 342 29.95 -24.98 4.42
N ASN A 343 29.90 -25.83 3.39
CA ASN A 343 29.08 -27.03 3.42
C ASN A 343 27.58 -26.72 3.64
N LYS A 344 27.17 -25.56 3.15
CA LYS A 344 25.75 -25.12 3.07
C LYS A 344 25.03 -24.76 4.39
N GLN A 345 25.82 -24.46 5.43
CA GLN A 345 25.31 -24.08 6.76
C GLN A 345 25.13 -22.58 6.86
N ILE A 346 25.88 -21.81 6.08
CA ILE A 346 25.79 -20.36 6.19
C ILE A 346 24.97 -19.81 5.00
N PRO A 347 23.89 -19.06 5.29
CA PRO A 347 23.04 -18.54 4.20
C PRO A 347 23.78 -17.52 3.36
N ILE A 348 23.47 -17.43 2.07
CA ILE A 348 24.18 -16.51 1.19
C ILE A 348 23.29 -15.44 0.58
N ILE A 349 23.84 -14.23 0.47
CA ILE A 349 23.15 -13.09 -0.12
C ILE A 349 23.90 -12.66 -1.37
N ALA A 350 23.21 -12.64 -2.50
CA ALA A 350 23.88 -12.44 -3.79
C ALA A 350 24.00 -10.97 -4.16
N SER A 351 25.13 -10.63 -4.76
CA SER A 351 25.38 -9.30 -5.29
C SER A 351 26.44 -9.41 -6.38
N GLY A 352 26.14 -8.88 -7.55
CA GLY A 352 27.12 -8.84 -8.63
C GLY A 352 26.52 -9.20 -9.98
N GLY A 353 26.29 -8.17 -10.79
CA GLY A 353 25.78 -8.32 -12.13
C GLY A 353 24.43 -9.00 -12.26
N ILE A 354 23.49 -8.64 -11.40
CA ILE A 354 22.13 -9.16 -11.49
C ILE A 354 21.23 -8.13 -12.17
N PHE A 355 20.71 -8.48 -13.33
CA PHE A 355 19.86 -7.59 -14.13
C PHE A 355 18.53 -8.24 -14.47
N SER A 356 18.54 -9.55 -14.63
CA SER A 356 17.37 -10.28 -15.15
C SER A 356 16.94 -11.39 -14.20
N GLY A 357 15.75 -11.91 -14.45
CA GLY A 357 15.20 -13.00 -13.65
C GLY A 357 16.06 -14.24 -13.84
N LEU A 358 16.73 -14.31 -14.98
CA LEU A 358 17.63 -15.40 -15.29
C LEU A 358 18.89 -15.26 -14.45
N ASP A 359 19.53 -14.09 -14.50
CA ASP A 359 20.69 -13.80 -13.67
C ASP A 359 20.39 -14.16 -12.22
N ALA A 360 19.21 -13.80 -11.74
CA ALA A 360 18.82 -14.04 -10.36
C ALA A 360 18.78 -15.53 -10.01
N LEU A 361 18.32 -16.34 -10.96
CA LEU A 361 18.13 -17.76 -10.72
C LEU A 361 19.47 -18.48 -10.67
N GLU A 362 20.44 -17.96 -11.41
CA GLU A 362 21.79 -18.51 -11.37
C GLU A 362 22.34 -18.36 -9.95
N LYS A 363 22.13 -17.19 -9.36
CA LYS A 363 22.60 -16.92 -8.01
C LYS A 363 21.90 -17.82 -6.99
N ILE A 364 20.62 -18.07 -7.21
CA ILE A 364 19.83 -18.87 -6.27
C ILE A 364 20.21 -20.34 -6.35
N GLU A 365 20.24 -20.88 -7.56
CA GLU A 365 20.63 -22.28 -7.75
C GLU A 365 22.07 -22.47 -7.27
N ALA A 366 22.91 -21.46 -7.47
CA ALA A 366 24.29 -21.53 -7.02
C ALA A 366 24.39 -21.62 -5.50
N GLY A 367 23.38 -21.09 -4.79
CA GLY A 367 23.32 -21.20 -3.35
C GLY A 367 22.79 -19.98 -2.59
N ALA A 368 22.40 -18.94 -3.30
CA ALA A 368 21.87 -17.73 -2.66
C ALA A 368 20.41 -17.87 -2.25
N SER A 369 20.07 -17.26 -1.12
CA SER A 369 18.69 -17.18 -0.65
C SER A 369 18.07 -15.87 -1.10
N VAL A 370 18.91 -14.84 -1.21
CA VAL A 370 18.45 -13.48 -1.48
C VAL A 370 19.38 -12.80 -2.47
N CYS A 371 18.85 -11.83 -3.21
CA CYS A 371 19.63 -11.09 -4.20
C CYS A 371 19.63 -9.59 -3.91
N GLN A 372 20.75 -8.92 -4.20
CA GLN A 372 20.83 -7.47 -4.10
C GLN A 372 21.14 -6.82 -5.45
N LEU A 373 20.46 -5.72 -5.74
CA LEU A 373 20.66 -4.99 -6.99
C LEU A 373 21.38 -3.67 -6.72
N TYR A 374 22.23 -3.25 -7.66
CA TYR A 374 22.78 -1.89 -7.64
C TYR A 374 22.84 -1.35 -9.06
N SER A 375 23.70 -1.97 -9.87
CA SER A 375 23.95 -1.50 -11.23
C SER A 375 22.70 -1.55 -12.08
N CYS A 376 21.81 -2.47 -11.75
CA CYS A 376 20.58 -2.64 -12.50
C CYS A 376 19.73 -1.39 -12.43
N LEU A 377 19.61 -0.80 -11.23
CA LEU A 377 18.87 0.44 -11.05
C LEU A 377 19.46 1.59 -11.86
N VAL A 378 20.77 1.57 -12.05
CA VAL A 378 21.44 2.60 -12.83
C VAL A 378 21.11 2.51 -14.32
N PHE A 379 21.12 1.28 -14.84
CA PHE A 379 20.99 1.05 -16.28
C PHE A 379 19.58 0.70 -16.75
N ASN A 380 18.79 0.06 -15.89
CA ASN A 380 17.42 -0.29 -16.23
C ASN A 380 16.37 0.58 -15.56
N GLY A 381 16.77 1.36 -14.56
CA GLY A 381 15.88 2.34 -13.99
C GLY A 381 14.97 1.83 -12.89
N MET A 382 13.90 2.58 -12.66
CA MET A 382 13.01 2.36 -11.52
C MET A 382 12.13 1.13 -11.64
N LYS A 383 12.02 0.59 -12.85
CA LYS A 383 11.19 -0.58 -13.09
C LYS A 383 11.86 -1.88 -12.65
N SER A 384 13.12 -1.79 -12.23
CA SER A 384 13.97 -2.97 -12.10
C SER A 384 13.40 -4.02 -11.15
N ALA A 385 12.71 -3.58 -10.11
CA ALA A 385 12.21 -4.49 -9.08
C ALA A 385 10.97 -5.22 -9.59
N VAL A 386 10.04 -4.44 -10.14
CA VAL A 386 8.82 -4.99 -10.73
C VAL A 386 9.20 -5.98 -11.83
N GLN A 387 10.08 -5.52 -12.71
CA GLN A 387 10.51 -6.30 -13.86
C GLN A 387 11.21 -7.59 -13.47
N ILE A 388 12.15 -7.52 -12.54
CA ILE A 388 12.96 -8.70 -12.20
C ILE A 388 12.14 -9.71 -11.40
N LYS A 389 11.12 -9.25 -10.67
CA LYS A 389 10.29 -10.15 -9.89
C LYS A 389 9.38 -10.93 -10.82
N ARG A 390 8.92 -10.24 -11.86
CA ARG A 390 8.10 -10.87 -12.91
C ARG A 390 8.89 -11.98 -13.57
N GLU A 391 10.06 -11.64 -14.06
CA GLU A 391 10.92 -12.57 -14.80
C GLU A 391 11.28 -13.81 -13.98
N LEU A 392 11.45 -13.64 -12.68
CA LEU A 392 11.87 -14.74 -11.82
C LEU A 392 10.69 -15.66 -11.53
N ASN A 393 9.52 -15.05 -11.31
CA ASN A 393 8.31 -15.81 -11.02
C ASN A 393 7.98 -16.72 -12.19
N HIS A 394 8.13 -16.19 -13.40
CA HIS A 394 7.79 -16.94 -14.61
C HIS A 394 8.77 -18.07 -14.84
N LEU A 395 10.04 -17.82 -14.57
CA LEU A 395 11.07 -18.85 -14.74
C LEU A 395 10.91 -19.99 -13.74
N LEU A 396 10.62 -19.65 -12.49
CA LEU A 396 10.42 -20.66 -11.46
C LEU A 396 9.33 -21.63 -11.91
N TYR A 397 8.34 -21.11 -12.62
CA TYR A 397 7.27 -21.92 -13.19
C TYR A 397 7.83 -22.82 -14.28
N GLN A 398 8.40 -22.21 -15.31
CA GLN A 398 8.91 -22.93 -16.48
C GLN A 398 10.01 -23.94 -16.14
N ARG A 399 10.72 -23.70 -15.03
CA ARG A 399 11.73 -24.62 -14.54
C ARG A 399 11.12 -25.62 -13.56
N GLY A 400 9.81 -25.51 -13.35
CA GLY A 400 9.06 -26.50 -12.60
C GLY A 400 9.28 -26.44 -11.09
N TYR A 401 9.77 -25.31 -10.61
CA TYR A 401 9.93 -25.11 -9.17
C TYR A 401 8.61 -24.79 -8.49
N TYR A 402 8.36 -25.44 -7.36
CA TYR A 402 7.19 -25.15 -6.54
C TYR A 402 7.30 -23.74 -5.96
N ASN A 403 8.39 -23.49 -5.25
CA ASN A 403 8.72 -22.16 -4.76
C ASN A 403 10.22 -21.87 -4.88
N LEU A 404 10.63 -20.69 -4.46
CA LEU A 404 12.02 -20.24 -4.63
C LEU A 404 12.96 -21.04 -3.74
N LYS A 405 12.53 -21.33 -2.52
CA LYS A 405 13.35 -22.05 -1.55
C LYS A 405 13.77 -23.42 -2.08
N GLU A 406 12.93 -24.02 -2.93
CA GLU A 406 13.23 -25.33 -3.49
C GLU A 406 14.41 -25.26 -4.44
N ALA A 407 14.63 -24.08 -5.02
CA ALA A 407 15.67 -23.92 -6.03
C ALA A 407 17.01 -23.54 -5.42
N ILE A 408 17.01 -23.18 -4.14
CA ILE A 408 18.22 -22.67 -3.51
C ILE A 408 19.29 -23.77 -3.46
N GLY A 409 20.44 -23.50 -4.08
CA GLY A 409 21.59 -24.38 -3.99
C GLY A 409 21.49 -25.64 -4.83
N ARG A 410 20.71 -25.58 -5.91
CA ARG A 410 20.52 -26.72 -6.80
C ARG A 410 21.60 -26.86 -7.87
N LYS A 411 22.87 -26.78 -7.46
CA LYS A 411 23.99 -27.07 -8.36
C LYS A 411 24.89 -28.14 -7.73
N ASN B 38 0.26 15.46 1.97
CA ASN B 38 1.20 15.72 0.89
C ASN B 38 0.84 16.95 0.06
N PRO B 39 1.79 17.42 -0.76
CA PRO B 39 1.49 18.44 -1.78
C PRO B 39 0.57 17.88 -2.87
N GLU B 40 0.64 16.58 -3.09
CA GLU B 40 -0.22 15.89 -4.05
C GLU B 40 -1.68 16.23 -3.80
N PHE B 41 -2.16 15.90 -2.60
CA PHE B 41 -3.48 16.30 -2.14
C PHE B 41 -3.72 17.80 -2.29
N PHE B 42 -2.85 18.58 -1.67
CA PHE B 42 -2.96 20.05 -1.65
C PHE B 42 -3.13 20.66 -3.05
N LEU B 43 -2.27 20.27 -3.98
CA LEU B 43 -2.34 20.76 -5.36
C LEU B 43 -3.65 20.40 -6.05
N TYR B 44 -4.12 19.16 -5.86
CA TYR B 44 -5.35 18.71 -6.48
C TYR B 44 -6.55 19.48 -5.92
N ASP B 45 -6.51 19.80 -4.64
CA ASP B 45 -7.62 20.48 -3.99
C ASP B 45 -7.74 21.92 -4.48
N ILE B 46 -6.62 22.50 -4.91
CA ILE B 46 -6.64 23.83 -5.53
C ILE B 46 -7.39 23.74 -6.85
N PHE B 47 -7.07 22.70 -7.62
CA PHE B 47 -7.71 22.47 -8.91
C PHE B 47 -9.19 22.26 -8.71
N LEU B 48 -9.55 21.56 -7.64
CA LEU B 48 -10.95 21.31 -7.34
C LEU B 48 -11.71 22.56 -6.94
N LYS B 49 -11.15 23.34 -6.03
CA LYS B 49 -11.76 24.58 -5.60
C LYS B 49 -12.02 25.49 -6.78
N PHE B 50 -11.06 25.56 -7.70
CA PHE B 50 -11.21 26.29 -8.95
C PHE B 50 -12.34 25.73 -9.80
N CYS B 51 -12.33 24.42 -10.02
CA CYS B 51 -13.38 23.74 -10.78
C CYS B 51 -14.77 23.94 -10.18
N LEU B 52 -14.82 23.93 -8.85
CA LEU B 52 -16.08 24.08 -8.12
C LEU B 52 -16.70 25.45 -8.37
N LYS B 53 -15.85 26.46 -8.53
CA LYS B 53 -16.30 27.84 -8.67
C LYS B 53 -16.88 28.11 -10.06
N TYR B 54 -16.23 27.58 -11.08
CA TYR B 54 -16.47 27.99 -12.47
C TYR B 54 -17.33 26.99 -13.27
N ILE B 55 -17.04 25.70 -13.08
CA ILE B 55 -17.53 24.65 -13.98
C ILE B 55 -18.74 23.89 -13.43
N ASP B 56 -19.65 23.47 -14.32
CA ASP B 56 -20.84 22.70 -13.97
C ASP B 56 -20.52 21.46 -13.13
N GLY B 57 -21.43 21.14 -12.21
CA GLY B 57 -21.21 20.09 -11.23
C GLY B 57 -20.99 18.72 -11.85
N GLU B 58 -21.96 18.25 -12.65
CA GLU B 58 -21.87 16.93 -13.24
C GLU B 58 -20.66 16.82 -14.18
N ILE B 59 -20.26 17.94 -14.79
CA ILE B 59 -19.06 17.97 -15.61
C ILE B 59 -17.80 17.78 -14.75
N CYS B 60 -17.79 18.39 -13.58
CA CYS B 60 -16.65 18.27 -12.68
C CYS B 60 -16.58 16.84 -12.19
N HIS B 61 -17.75 16.34 -11.78
CA HIS B 61 -17.84 15.00 -11.24
C HIS B 61 -17.26 13.99 -12.22
N ASP B 62 -17.72 14.06 -13.47
CA ASP B 62 -17.25 13.13 -14.49
C ASP B 62 -15.76 13.34 -14.80
N LEU B 63 -15.30 14.58 -14.71
CA LEU B 63 -13.89 14.90 -14.98
C LEU B 63 -12.98 14.21 -13.99
N PHE B 64 -13.34 14.25 -12.71
CA PHE B 64 -12.47 13.74 -11.65
C PHE B 64 -12.63 12.23 -11.54
N LEU B 65 -13.81 11.72 -11.88
CA LEU B 65 -13.98 10.27 -12.00
C LEU B 65 -13.01 9.77 -13.06
N LEU B 66 -12.85 10.54 -14.14
CA LEU B 66 -11.94 10.17 -15.22
C LEU B 66 -10.48 10.20 -14.75
N LEU B 67 -10.11 11.23 -13.98
CA LEU B 67 -8.73 11.31 -13.48
C LEU B 67 -8.45 10.09 -12.61
N GLY B 68 -9.44 9.68 -11.82
CA GLY B 68 -9.31 8.51 -10.98
C GLY B 68 -9.21 7.24 -11.80
N LYS B 69 -9.93 7.19 -12.92
CA LYS B 69 -9.93 6.04 -13.79
C LYS B 69 -8.54 5.80 -14.41
N TYR B 70 -7.77 6.87 -14.62
CA TYR B 70 -6.43 6.74 -15.17
C TYR B 70 -5.39 6.80 -14.05
N ASN B 71 -5.88 6.71 -12.81
CA ASN B 71 -5.02 6.44 -11.67
C ASN B 71 -3.93 7.49 -11.47
N ILE B 72 -4.31 8.76 -11.59
CA ILE B 72 -3.40 9.86 -11.32
C ILE B 72 -3.80 10.63 -10.06
N LEU B 73 -4.74 10.07 -9.30
CA LEU B 73 -5.13 10.67 -8.02
C LEU B 73 -4.17 10.17 -6.95
N PRO B 74 -4.12 10.88 -5.82
CA PRO B 74 -3.21 10.46 -4.75
C PRO B 74 -3.71 9.27 -3.93
N TYR B 75 -2.83 8.69 -3.12
CA TYR B 75 -3.16 7.57 -2.25
C TYR B 75 -3.05 7.95 -0.79
N ASP B 76 -3.90 7.35 0.04
CA ASP B 76 -3.66 7.34 1.48
C ASP B 76 -3.14 5.96 1.86
N THR B 77 -1.85 5.89 2.13
CA THR B 77 -1.20 4.62 2.48
C THR B 77 -0.98 4.53 3.98
N SER B 78 -1.65 5.39 4.74
CA SER B 78 -1.49 5.39 6.19
C SER B 78 -2.16 4.16 6.77
N ASN B 79 -1.60 3.60 7.83
CA ASN B 79 -2.30 2.60 8.61
C ASN B 79 -3.44 3.25 9.36
N ASP B 80 -4.62 2.63 9.34
CA ASP B 80 -5.76 3.18 10.06
C ASP B 80 -5.73 2.71 11.51
N SER B 81 -6.20 3.56 12.41
CA SER B 81 -6.28 3.23 13.82
C SER B 81 -7.14 1.99 14.04
N ILE B 82 -6.59 0.99 14.73
CA ILE B 82 -7.36 -0.19 15.05
C ILE B 82 -8.46 0.14 16.06
N TYR B 83 -8.42 1.35 16.61
CA TYR B 83 -9.41 1.78 17.58
C TYR B 83 -10.61 2.41 16.88
N ALA B 84 -10.47 2.68 15.58
CA ALA B 84 -11.60 3.18 14.78
C ALA B 84 -12.04 2.15 13.76
N CYS B 85 -11.93 0.87 14.11
CA CYS B 85 -12.50 -0.19 13.30
C CYS B 85 -14.00 -0.25 13.55
N THR B 86 -14.72 -0.89 12.65
CA THR B 86 -16.15 -1.09 12.84
C THR B 86 -16.64 -2.23 11.96
N ASN B 87 -17.87 -2.67 12.22
CA ASN B 87 -18.45 -3.75 11.46
C ASN B 87 -19.96 -3.69 11.43
N ILE B 88 -20.54 -4.45 10.51
CA ILE B 88 -21.98 -4.66 10.45
C ILE B 88 -22.19 -6.15 10.29
N LYS B 89 -22.61 -6.80 11.36
CA LYS B 89 -22.53 -8.25 11.46
C LYS B 89 -21.08 -8.69 11.21
N HIS B 90 -20.88 -9.70 10.37
CA HIS B 90 -19.54 -10.23 10.13
C HIS B 90 -18.83 -9.48 9.01
N LEU B 91 -19.40 -8.36 8.58
CA LEU B 91 -18.78 -7.50 7.58
C LEU B 91 -17.90 -6.45 8.27
N ASP B 92 -16.58 -6.57 8.11
CA ASP B 92 -15.65 -5.70 8.84
C ASP B 92 -15.14 -4.54 7.97
N PHE B 93 -15.03 -3.37 8.59
CA PHE B 93 -14.48 -2.18 7.92
C PHE B 93 -13.22 -1.72 8.64
N ILE B 94 -12.16 -1.47 7.88
CA ILE B 94 -10.88 -1.08 8.45
C ILE B 94 -10.98 0.34 9.03
N ASN B 95 -11.88 1.13 8.49
CA ASN B 95 -12.21 2.44 9.06
C ASN B 95 -13.69 2.75 8.80
N PRO B 96 -14.25 3.76 9.50
CA PRO B 96 -15.70 3.92 9.50
C PRO B 96 -16.25 4.80 8.37
N PHE B 97 -15.40 5.21 7.42
CA PHE B 97 -15.82 6.09 6.34
C PHE B 97 -15.77 5.44 4.97
N GLY B 98 -16.87 5.57 4.23
CA GLY B 98 -16.96 5.08 2.87
C GLY B 98 -17.59 6.13 1.99
N VAL B 99 -17.74 5.82 0.70
CA VAL B 99 -18.42 6.72 -0.23
C VAL B 99 -19.82 6.20 -0.53
N ALA B 100 -20.76 7.11 -0.67
CA ALA B 100 -22.17 6.75 -0.79
C ALA B 100 -22.53 6.44 -2.25
N ALA B 101 -23.67 5.80 -2.43
CA ALA B 101 -24.19 5.50 -3.76
C ALA B 101 -24.43 6.77 -4.55
N GLY B 102 -24.30 6.66 -5.88
CA GLY B 102 -24.53 7.80 -6.75
C GLY B 102 -23.28 8.55 -7.09
N PHE B 103 -22.20 8.25 -6.38
CA PHE B 103 -20.95 8.96 -6.58
C PHE B 103 -20.21 8.33 -7.74
N ASP B 104 -20.03 7.02 -7.67
CA ASP B 104 -19.49 6.25 -8.79
C ASP B 104 -20.55 5.26 -9.24
N LYS B 105 -21.55 5.78 -9.94
CA LYS B 105 -22.70 5.00 -10.36
C LYS B 105 -22.30 3.76 -11.15
N ASN B 106 -21.29 3.88 -12.01
CA ASN B 106 -20.98 2.83 -12.95
C ASN B 106 -19.73 2.01 -12.59
N GLY B 107 -19.19 2.25 -11.39
CA GLY B 107 -18.02 1.50 -10.94
C GLY B 107 -16.79 1.68 -11.80
N VAL B 108 -16.61 2.87 -12.36
CA VAL B 108 -15.49 3.14 -13.25
C VAL B 108 -14.25 3.61 -12.50
N CYS B 109 -14.44 3.99 -11.24
CA CYS B 109 -13.38 4.64 -10.48
C CYS B 109 -13.19 4.07 -9.07
N ILE B 110 -13.41 2.76 -8.94
CA ILE B 110 -13.48 2.15 -7.61
C ILE B 110 -12.14 2.13 -6.89
N ASP B 111 -11.07 1.82 -7.60
CA ASP B 111 -9.76 1.71 -6.98
C ASP B 111 -9.29 3.05 -6.44
N SER B 112 -9.37 4.06 -7.30
CA SER B 112 -8.79 5.36 -7.01
C SER B 112 -9.52 6.01 -5.84
N ILE B 113 -10.85 5.85 -5.79
CA ILE B 113 -11.62 6.42 -4.71
C ILE B 113 -11.33 5.69 -3.40
N LEU B 114 -11.27 4.37 -3.44
CA LEU B 114 -10.98 3.61 -2.24
C LEU B 114 -9.60 3.95 -1.68
N LYS B 115 -8.67 4.25 -2.58
CA LYS B 115 -7.30 4.49 -2.19
C LYS B 115 -7.08 5.91 -1.70
N LEU B 116 -8.14 6.70 -1.69
CA LEU B 116 -8.07 8.03 -1.08
C LEU B 116 -8.13 7.94 0.44
N GLY B 117 -8.45 6.76 0.95
CA GLY B 117 -8.47 6.50 2.38
C GLY B 117 -9.76 5.89 2.87
N PHE B 118 -10.65 5.52 1.95
CA PHE B 118 -11.98 5.03 2.33
C PHE B 118 -11.92 3.53 2.52
N SER B 119 -12.73 3.02 3.44
CA SER B 119 -12.77 1.61 3.74
C SER B 119 -13.73 0.88 2.83
N PHE B 120 -14.63 1.62 2.18
CA PHE B 120 -15.61 0.99 1.31
C PHE B 120 -16.31 2.00 0.42
N ILE B 121 -16.97 1.50 -0.62
CA ILE B 121 -17.73 2.33 -1.53
C ILE B 121 -18.99 1.60 -1.93
N GLU B 122 -20.04 2.38 -2.20
CA GLU B 122 -21.31 1.86 -2.67
C GLU B 122 -21.48 2.34 -4.09
N ILE B 123 -21.37 1.44 -5.06
CA ILE B 123 -21.58 1.82 -6.45
C ILE B 123 -23.08 1.74 -6.76
N GLY B 124 -23.45 2.14 -7.96
CA GLY B 124 -24.85 2.32 -8.30
C GLY B 124 -25.33 3.69 -7.81
N THR B 125 -26.64 3.89 -7.68
CA THR B 125 -27.64 2.86 -7.92
C THR B 125 -27.67 2.46 -9.38
N ILE B 126 -27.65 1.15 -9.63
CA ILE B 126 -27.77 0.59 -10.97
C ILE B 126 -29.17 0.08 -11.26
N THR B 127 -29.49 -0.04 -12.54
CA THR B 127 -30.74 -0.65 -12.98
C THR B 127 -30.40 -1.72 -14.01
N PRO B 128 -31.32 -2.68 -14.22
CA PRO B 128 -31.04 -3.80 -15.14
C PRO B 128 -30.70 -3.35 -16.56
N ARG B 129 -31.30 -2.27 -17.02
CA ARG B 129 -30.99 -1.71 -18.35
C ARG B 129 -30.53 -0.27 -18.23
N GLY B 130 -29.61 0.12 -19.09
CA GLY B 130 -29.07 1.46 -19.07
C GLY B 130 -30.15 2.52 -19.21
N GLN B 131 -29.96 3.62 -18.50
CA GLN B 131 -30.84 4.79 -18.60
C GLN B 131 -30.02 6.04 -18.88
N THR B 132 -30.67 7.03 -19.47
CA THR B 132 -30.04 8.32 -19.71
C THR B 132 -30.31 9.24 -18.51
N GLY B 133 -31.43 9.00 -17.83
CA GLY B 133 -31.82 9.87 -16.74
C GLY B 133 -32.45 11.15 -17.26
N ASN B 134 -32.85 12.02 -16.36
CA ASN B 134 -33.54 13.25 -16.74
C ASN B 134 -32.61 14.20 -17.49
N ALA B 135 -33.15 15.34 -17.91
CA ALA B 135 -32.40 16.29 -18.73
C ALA B 135 -31.39 17.06 -17.89
N LYS B 136 -30.28 17.40 -18.54
CA LYS B 136 -29.20 18.14 -17.89
C LYS B 136 -29.43 19.62 -18.18
N PRO B 137 -29.02 20.52 -17.28
CA PRO B 137 -28.35 20.21 -16.02
C PRO B 137 -29.34 19.67 -15.00
N ARG B 138 -28.89 18.76 -14.16
CA ARG B 138 -29.76 18.08 -13.21
C ARG B 138 -29.11 18.06 -11.83
N ILE B 139 -27.92 18.62 -11.73
CA ILE B 139 -27.22 18.75 -10.45
C ILE B 139 -26.70 20.18 -10.28
N PHE B 140 -27.02 20.80 -9.15
CA PHE B 140 -26.53 22.14 -8.82
C PHE B 140 -25.99 22.19 -7.39
N ARG B 141 -25.02 23.08 -7.15
CA ARG B 141 -24.38 23.18 -5.84
C ARG B 141 -24.41 24.60 -5.29
N ASP B 142 -24.79 24.71 -4.02
CA ASP B 142 -24.67 25.97 -3.30
C ASP B 142 -23.48 25.85 -2.35
N VAL B 143 -22.44 26.62 -2.61
CA VAL B 143 -21.20 26.51 -1.85
C VAL B 143 -21.33 27.03 -0.42
N GLU B 144 -21.92 28.20 -0.27
CA GLU B 144 -22.03 28.84 1.04
C GLU B 144 -22.75 27.94 2.05
N SER B 145 -23.80 27.27 1.60
CA SER B 145 -24.56 26.40 2.49
C SER B 145 -23.96 25.00 2.48
N ARG B 146 -22.97 24.78 1.62
CA ARG B 146 -22.35 23.47 1.44
C ARG B 146 -23.41 22.42 1.16
N SER B 147 -24.28 22.70 0.20
CA SER B 147 -25.40 21.82 -0.11
C SER B 147 -25.49 21.56 -1.60
N ILE B 148 -26.22 20.51 -1.95
CA ILE B 148 -26.38 20.09 -3.33
C ILE B 148 -27.83 19.70 -3.54
N ILE B 149 -28.34 19.89 -4.75
CA ILE B 149 -29.62 19.32 -5.14
C ILE B 149 -29.45 18.60 -6.47
N ASN B 150 -30.18 17.50 -6.62
CA ASN B 150 -30.10 16.71 -7.83
C ASN B 150 -31.44 16.11 -8.23
N SER B 151 -31.63 16.01 -9.55
CA SER B 151 -32.72 15.24 -10.14
C SER B 151 -32.13 14.43 -11.28
N CYS B 152 -31.16 13.59 -10.91
CA CYS B 152 -30.37 12.80 -11.83
C CYS B 152 -31.22 11.81 -12.63
N GLY B 153 -32.07 11.06 -11.93
CA GLY B 153 -33.01 10.19 -12.60
C GLY B 153 -32.48 8.80 -12.91
N PHE B 154 -31.56 8.32 -12.07
CA PHE B 154 -30.98 6.98 -12.21
C PHE B 154 -30.22 6.80 -13.52
N ASN B 155 -29.38 7.78 -13.86
CA ASN B 155 -28.52 7.63 -15.02
C ASN B 155 -27.47 6.57 -14.68
N ASN B 156 -27.31 5.56 -15.53
CA ASN B 156 -26.27 4.56 -15.31
C ASN B 156 -26.12 3.71 -16.57
N MET B 157 -25.01 2.98 -16.65
CA MET B 157 -24.69 2.20 -17.86
C MET B 157 -25.42 0.87 -17.92
N GLY B 158 -26.24 0.60 -16.91
CA GLY B 158 -26.97 -0.65 -16.80
C GLY B 158 -26.17 -1.74 -16.11
N CYS B 159 -26.89 -2.67 -15.50
CA CYS B 159 -26.28 -3.76 -14.74
C CYS B 159 -25.22 -4.57 -15.47
N ASP B 160 -25.44 -4.80 -16.76
CA ASP B 160 -24.55 -5.67 -17.53
C ASP B 160 -23.16 -5.06 -17.57
N LYS B 161 -23.09 -3.83 -18.05
CA LYS B 161 -21.81 -3.17 -18.21
C LYS B 161 -21.13 -2.92 -16.88
N VAL B 162 -21.91 -2.60 -15.83
CA VAL B 162 -21.35 -2.26 -14.54
C VAL B 162 -20.79 -3.51 -13.86
N THR B 163 -21.41 -4.65 -14.12
CA THR B 163 -20.90 -5.91 -13.59
C THR B 163 -19.54 -6.24 -14.19
N GLU B 164 -19.35 -5.90 -15.46
CA GLU B 164 -18.07 -6.14 -16.11
C GLU B 164 -17.02 -5.22 -15.50
N ASN B 165 -17.45 -4.05 -15.06
CA ASN B 165 -16.53 -3.09 -14.45
C ASN B 165 -16.15 -3.53 -13.05
N LEU B 166 -17.12 -4.08 -12.33
CA LEU B 166 -16.88 -4.58 -10.98
C LEU B 166 -16.01 -5.85 -11.01
N ILE B 167 -16.18 -6.66 -12.05
CA ILE B 167 -15.36 -7.85 -12.21
C ILE B 167 -13.90 -7.46 -12.40
N LEU B 168 -13.66 -6.53 -13.32
CA LEU B 168 -12.31 -6.06 -13.60
C LEU B 168 -11.66 -5.51 -12.33
N PHE B 169 -12.42 -4.77 -11.53
CA PHE B 169 -11.92 -4.28 -10.25
C PHE B 169 -11.53 -5.45 -9.35
N ARG B 170 -12.43 -6.41 -9.23
CA ARG B 170 -12.20 -7.55 -8.35
C ARG B 170 -10.95 -8.32 -8.74
N LYS B 171 -10.66 -8.34 -10.05
CA LYS B 171 -9.42 -8.92 -10.56
C LYS B 171 -8.22 -8.09 -10.16
N ARG B 172 -8.35 -6.77 -10.26
CA ARG B 172 -7.28 -5.85 -9.86
C ARG B 172 -7.05 -5.94 -8.35
N GLN B 173 -8.11 -6.16 -7.59
CA GLN B 173 -8.01 -6.21 -6.14
C GLN B 173 -7.16 -7.37 -5.63
N GLU B 174 -6.99 -8.42 -6.44
CA GLU B 174 -6.20 -9.57 -6.04
C GLU B 174 -4.70 -9.29 -6.11
N GLU B 175 -4.35 -8.25 -6.85
CA GLU B 175 -2.97 -7.93 -7.15
C GLU B 175 -2.50 -6.70 -6.37
N ASP B 176 -3.44 -5.89 -5.92
CA ASP B 176 -3.11 -4.61 -5.30
C ASP B 176 -3.15 -4.70 -3.78
N LYS B 177 -1.99 -4.43 -3.19
CA LYS B 177 -1.80 -4.44 -1.74
C LYS B 177 -2.74 -3.47 -1.04
N LEU B 178 -3.06 -2.37 -1.71
CA LEU B 178 -3.82 -1.29 -1.08
C LEU B 178 -5.33 -1.49 -1.12
N LEU B 179 -5.80 -2.44 -1.91
CA LEU B 179 -7.23 -2.69 -2.03
C LEU B 179 -7.73 -3.83 -1.15
N SER B 180 -6.79 -4.50 -0.48
CA SER B 180 -7.14 -5.61 0.40
C SER B 180 -8.09 -5.15 1.51
N LYS B 181 -9.01 -6.03 1.90
CA LYS B 181 -9.97 -5.75 2.97
C LYS B 181 -10.89 -4.55 2.70
N HIS B 182 -10.89 -4.03 1.48
CA HIS B 182 -11.82 -2.95 1.14
C HIS B 182 -13.13 -3.51 0.61
N ILE B 183 -14.22 -2.88 1.03
CA ILE B 183 -15.55 -3.41 0.82
C ILE B 183 -16.22 -2.66 -0.34
N VAL B 184 -16.83 -3.41 -1.26
CA VAL B 184 -17.64 -2.79 -2.31
C VAL B 184 -19.08 -3.29 -2.23
N GLY B 185 -19.98 -2.38 -1.87
CA GLY B 185 -21.40 -2.64 -1.93
C GLY B 185 -22.00 -2.20 -3.25
N VAL B 186 -23.13 -2.78 -3.62
CA VAL B 186 -23.85 -2.38 -4.84
C VAL B 186 -25.26 -1.93 -4.50
N SER B 187 -25.59 -0.69 -4.86
CA SER B 187 -26.95 -0.16 -4.74
C SER B 187 -27.77 -0.52 -5.98
N ILE B 188 -28.97 -1.06 -5.77
CA ILE B 188 -29.80 -1.55 -6.87
C ILE B 188 -31.23 -0.96 -6.81
N GLY B 189 -31.81 -0.70 -7.99
CA GLY B 189 -33.12 -0.07 -8.08
C GLY B 189 -33.84 -0.46 -9.38
N LYS B 190 -35.03 0.09 -9.62
CA LYS B 190 -35.81 -0.33 -10.80
C LYS B 190 -35.65 0.67 -11.94
N ASN B 191 -35.69 0.19 -13.18
CA ASN B 191 -35.72 1.07 -14.33
C ASN B 191 -36.92 2.01 -14.20
N LYS B 192 -36.89 3.15 -14.90
CA LYS B 192 -37.95 4.14 -14.79
C LYS B 192 -39.35 3.55 -15.01
N ASP B 193 -39.54 2.88 -16.13
CA ASP B 193 -40.87 2.46 -16.55
C ASP B 193 -41.15 0.99 -16.26
N THR B 194 -40.37 0.39 -15.38
CA THR B 194 -40.63 -1.00 -15.04
C THR B 194 -41.71 -0.97 -13.97
N VAL B 195 -42.83 -1.63 -14.24
CA VAL B 195 -43.95 -1.65 -13.30
C VAL B 195 -43.57 -2.32 -12.00
N ASN B 196 -43.02 -3.53 -12.06
CA ASN B 196 -42.66 -4.20 -10.83
C ASN B 196 -41.19 -4.01 -10.52
N ILE B 197 -40.93 -3.69 -9.25
CA ILE B 197 -39.60 -3.35 -8.78
C ILE B 197 -38.74 -4.60 -8.84
N VAL B 198 -39.29 -5.66 -8.24
CA VAL B 198 -38.66 -6.95 -8.07
C VAL B 198 -38.11 -7.60 -9.32
N ASP B 199 -38.82 -7.55 -10.46
CA ASP B 199 -38.29 -8.26 -11.61
C ASP B 199 -36.99 -7.59 -12.02
N ASP B 200 -36.91 -6.28 -11.83
CA ASP B 200 -35.68 -5.55 -12.12
C ASP B 200 -34.55 -5.96 -11.17
N LEU B 201 -34.84 -5.96 -9.87
CA LEU B 201 -33.81 -6.26 -8.86
C LEU B 201 -33.33 -7.70 -8.92
N LYS B 202 -34.23 -8.61 -9.25
CA LYS B 202 -33.89 -10.02 -9.32
C LYS B 202 -32.86 -10.23 -10.43
N TYR B 203 -33.03 -9.51 -11.53
CA TYR B 203 -32.07 -9.55 -12.62
C TYR B 203 -30.70 -9.05 -12.17
N CYS B 204 -30.69 -7.93 -11.44
CA CYS B 204 -29.42 -7.34 -10.99
C CYS B 204 -28.63 -8.26 -10.08
N ILE B 205 -29.30 -8.88 -9.12
CA ILE B 205 -28.65 -9.78 -8.18
C ILE B 205 -27.99 -10.93 -8.93
N ASN B 206 -28.73 -11.57 -9.83
CA ASN B 206 -28.22 -12.68 -10.60
C ASN B 206 -26.94 -12.34 -11.35
N LYS B 207 -26.88 -11.14 -11.91
CA LYS B 207 -25.72 -10.73 -12.69
C LYS B 207 -24.53 -10.32 -11.81
N ILE B 208 -24.77 -9.50 -10.78
CA ILE B 208 -23.69 -8.85 -10.04
C ILE B 208 -23.58 -9.26 -8.58
N GLY B 209 -24.46 -10.15 -8.12
CA GLY B 209 -24.51 -10.48 -6.71
C GLY B 209 -23.30 -11.24 -6.21
N ARG B 210 -22.60 -11.88 -7.14
CA ARG B 210 -21.43 -12.69 -6.79
C ARG B 210 -20.22 -11.82 -6.45
N TYR B 211 -20.26 -10.57 -6.91
CA TYR B 211 -19.13 -9.66 -6.77
C TYR B 211 -19.34 -8.58 -5.71
N ALA B 212 -20.44 -8.68 -4.97
CA ALA B 212 -20.83 -7.68 -4.01
C ALA B 212 -20.62 -8.16 -2.58
N ASP B 213 -20.14 -7.26 -1.71
CA ASP B 213 -19.95 -7.58 -0.30
C ASP B 213 -21.25 -7.31 0.43
N TYR B 214 -22.04 -6.39 -0.13
CA TYR B 214 -23.40 -6.18 0.34
C TYR B 214 -24.23 -5.58 -0.78
N ILE B 215 -25.54 -5.68 -0.60
CA ILE B 215 -26.52 -5.18 -1.57
C ILE B 215 -27.37 -4.15 -0.88
N ALA B 216 -27.44 -2.98 -1.49
CA ALA B 216 -28.27 -1.91 -0.97
C ALA B 216 -29.51 -1.78 -1.84
N ILE B 217 -30.65 -1.81 -1.18
CA ILE B 217 -31.93 -1.60 -1.82
C ILE B 217 -32.38 -0.19 -1.54
N ASN B 218 -32.51 0.67 -2.55
CA ASN B 218 -33.02 1.99 -2.24
C ASN B 218 -34.41 2.17 -2.83
N VAL B 219 -35.31 2.37 -1.88
CA VAL B 219 -36.69 2.75 -2.10
C VAL B 219 -36.81 4.19 -1.62
N SER B 220 -35.73 4.95 -1.76
CA SER B 220 -35.72 6.32 -1.25
C SER B 220 -35.45 7.42 -2.27
N SER B 221 -35.19 7.08 -3.52
CA SER B 221 -34.89 8.14 -4.47
C SER B 221 -36.21 8.83 -4.87
N PRO B 222 -36.23 10.17 -4.84
CA PRO B 222 -37.47 10.87 -5.17
C PRO B 222 -37.52 11.31 -6.63
N ASN B 223 -36.56 10.83 -7.42
CA ASN B 223 -36.35 11.31 -8.77
C ASN B 223 -37.01 10.48 -9.87
N THR B 224 -37.36 9.24 -9.56
CA THR B 224 -38.20 8.46 -10.48
C THR B 224 -39.56 8.23 -9.80
N PRO B 225 -40.67 8.57 -10.49
CA PRO B 225 -41.98 8.41 -9.87
C PRO B 225 -42.37 6.97 -9.56
N GLY B 226 -43.08 6.78 -8.45
CA GLY B 226 -43.62 5.49 -8.09
C GLY B 226 -42.67 4.61 -7.31
N LEU B 227 -41.42 5.03 -7.20
CA LEU B 227 -40.42 4.26 -6.46
C LEU B 227 -40.70 4.27 -4.96
N ARG B 228 -41.01 5.44 -4.41
CA ARG B 228 -41.06 5.61 -2.96
C ARG B 228 -42.30 5.00 -2.34
N ASP B 229 -43.35 4.81 -3.12
CA ASP B 229 -44.54 4.13 -2.60
C ASP B 229 -44.21 2.68 -2.28
N ASN B 230 -43.09 2.17 -2.81
CA ASN B 230 -42.61 0.84 -2.45
C ASN B 230 -42.07 0.82 -1.03
N GLN B 231 -42.07 1.98 -0.39
CA GLN B 231 -41.76 2.06 1.03
C GLN B 231 -42.96 1.67 1.87
N GLU B 232 -44.02 1.11 1.28
CA GLU B 232 -45.16 0.80 2.12
C GLU B 232 -44.65 -0.37 2.94
N ALA B 233 -45.23 -0.69 4.10
CA ALA B 233 -44.75 -1.90 4.73
C ALA B 233 -45.00 -3.21 3.98
N GLY B 234 -46.15 -3.32 3.30
CA GLY B 234 -46.42 -4.53 2.55
C GLY B 234 -45.61 -4.87 1.33
N LYS B 235 -45.25 -3.82 0.59
CA LYS B 235 -44.43 -3.97 -0.61
C LYS B 235 -42.97 -4.07 -0.30
N LEU B 236 -42.59 -3.45 0.81
CA LEU B 236 -41.21 -3.47 1.22
C LEU B 236 -40.84 -4.86 1.69
N LYS B 237 -41.55 -5.36 2.69
CA LYS B 237 -41.34 -6.73 3.16
C LYS B 237 -41.23 -7.72 1.99
N ASN B 238 -42.11 -7.57 1.00
CA ASN B 238 -42.08 -8.43 -0.18
C ASN B 238 -40.73 -8.31 -0.89
N ILE B 239 -40.31 -7.07 -1.13
CA ILE B 239 -39.09 -6.78 -1.86
C ILE B 239 -37.88 -7.32 -1.11
N ILE B 240 -37.80 -6.99 0.17
CA ILE B 240 -36.67 -7.39 1.00
C ILE B 240 -36.52 -8.89 0.97
N LEU B 241 -37.60 -9.59 1.31
CA LEU B 241 -37.60 -11.04 1.27
C LEU B 241 -37.12 -11.54 -0.10
N SER B 242 -37.77 -11.07 -1.17
CA SER B 242 -37.44 -11.53 -2.52
C SER B 242 -35.95 -11.37 -2.82
N VAL B 243 -35.33 -10.37 -2.21
CA VAL B 243 -33.90 -10.12 -2.42
C VAL B 243 -33.07 -11.15 -1.67
N LYS B 244 -33.44 -11.41 -0.42
CA LYS B 244 -32.74 -12.42 0.37
C LYS B 244 -32.83 -13.77 -0.32
N GLU B 245 -33.95 -14.07 -0.97
CA GLU B 245 -34.15 -15.38 -1.56
C GLU B 245 -33.27 -15.51 -2.80
N GLU B 246 -33.16 -14.44 -3.57
CA GLU B 246 -32.30 -14.44 -4.74
C GLU B 246 -30.83 -14.60 -4.38
N ILE B 247 -30.39 -13.89 -3.34
CA ILE B 247 -29.03 -14.05 -2.85
C ILE B 247 -28.85 -15.49 -2.39
N ASP B 248 -29.80 -15.98 -1.60
CA ASP B 248 -29.76 -17.33 -1.06
C ASP B 248 -29.80 -18.33 -2.22
N ASN B 249 -30.47 -17.92 -3.28
CA ASN B 249 -30.60 -18.73 -4.50
C ASN B 249 -29.33 -18.85 -5.33
N LEU B 250 -28.51 -17.81 -5.32
CA LEU B 250 -27.26 -17.86 -6.08
C LEU B 250 -26.44 -19.08 -5.67
N GLU B 251 -26.35 -19.36 -4.36
CA GLU B 251 -25.61 -20.53 -3.88
C GLU B 251 -26.32 -21.80 -4.35
N LYS B 252 -27.65 -21.80 -4.22
CA LYS B 252 -28.49 -22.97 -4.47
C LYS B 252 -28.46 -23.30 -5.98
N ASN B 253 -28.24 -22.27 -6.80
CA ASN B 253 -28.30 -22.36 -8.26
C ASN B 253 -26.99 -22.77 -8.93
N ASN B 254 -25.89 -22.58 -8.21
CA ASN B 254 -24.56 -22.94 -8.69
C ASN B 254 -24.25 -24.39 -8.35
N ILE B 255 -23.11 -24.88 -8.84
CA ILE B 255 -22.73 -26.26 -8.62
C ILE B 255 -21.33 -26.40 -8.00
N MET B 256 -20.70 -25.26 -7.71
CA MET B 256 -19.35 -25.24 -7.12
C MET B 256 -19.35 -24.90 -5.62
N ASN B 257 -18.16 -24.96 -5.05
CA ASN B 257 -17.96 -24.71 -3.62
C ASN B 257 -18.16 -23.25 -3.25
N ASP B 258 -18.16 -22.97 -1.95
CA ASP B 258 -18.36 -21.62 -1.44
C ASP B 258 -17.12 -20.77 -1.73
N GLU B 259 -15.97 -21.41 -1.90
CA GLU B 259 -14.72 -20.70 -2.18
C GLU B 259 -14.71 -19.98 -3.53
N PHE B 260 -14.90 -20.74 -4.60
CA PHE B 260 -14.84 -20.20 -5.96
C PHE B 260 -16.21 -19.73 -6.40
N LEU B 261 -16.99 -19.19 -5.46
CA LEU B 261 -18.33 -18.71 -5.76
C LEU B 261 -18.51 -17.21 -5.50
N TRP B 262 -18.11 -16.75 -4.32
CA TRP B 262 -18.16 -15.33 -4.00
C TRP B 262 -16.88 -14.60 -4.38
N PHE B 263 -16.86 -14.03 -5.57
CA PHE B 263 -15.70 -13.30 -6.06
C PHE B 263 -15.74 -11.87 -5.52
N ASN B 264 -15.77 -11.76 -4.20
CA ASN B 264 -15.81 -10.47 -3.52
C ASN B 264 -14.71 -10.42 -2.45
N THR B 265 -14.91 -9.61 -1.41
CA THR B 265 -13.90 -9.43 -0.36
C THR B 265 -14.20 -10.35 0.82
N THR B 266 -15.48 -10.45 1.18
CA THR B 266 -15.89 -11.24 2.33
C THR B 266 -15.77 -12.73 2.04
N LYS B 267 -15.91 -13.09 0.76
CA LYS B 267 -15.95 -14.49 0.35
C LYS B 267 -17.16 -15.17 0.98
N LYS B 268 -18.22 -14.38 1.18
CA LYS B 268 -19.49 -14.87 1.67
C LYS B 268 -20.60 -14.18 0.89
N LYS B 269 -21.85 -14.62 1.08
CA LYS B 269 -22.95 -14.01 0.34
C LYS B 269 -23.15 -12.57 0.80
N PRO B 270 -23.56 -11.70 -0.12
CA PRO B 270 -23.67 -10.27 0.22
C PRO B 270 -24.76 -9.99 1.26
N LEU B 271 -24.47 -9.08 2.17
CA LEU B 271 -25.46 -8.61 3.12
C LEU B 271 -26.52 -7.81 2.39
N VAL B 272 -27.63 -7.56 3.06
CA VAL B 272 -28.75 -6.83 2.49
C VAL B 272 -29.06 -5.61 3.33
N PHE B 273 -28.79 -4.43 2.78
CA PHE B 273 -29.20 -3.19 3.41
C PHE B 273 -30.37 -2.61 2.65
N VAL B 274 -31.06 -1.65 3.27
CA VAL B 274 -32.06 -0.87 2.59
C VAL B 274 -31.85 0.60 2.93
N LYS B 275 -32.04 1.47 1.95
CA LYS B 275 -31.83 2.90 2.15
C LYS B 275 -33.17 3.62 2.19
N LEU B 276 -33.35 4.46 3.20
CA LEU B 276 -34.62 5.12 3.47
C LEU B 276 -34.54 6.62 3.25
N ALA B 277 -35.59 7.19 2.65
CA ALA B 277 -35.71 8.64 2.54
C ALA B 277 -36.15 9.23 3.87
N PRO B 278 -35.80 10.50 4.12
CA PRO B 278 -36.12 11.15 5.40
C PRO B 278 -37.50 11.79 5.40
N ASP B 279 -38.13 11.85 4.23
CA ASP B 279 -39.42 12.52 4.09
C ASP B 279 -40.55 11.53 4.36
N LEU B 280 -40.62 11.07 5.60
CA LEU B 280 -41.70 10.20 6.06
C LEU B 280 -42.29 10.72 7.36
N ASN B 281 -43.49 10.25 7.70
CA ASN B 281 -44.13 10.61 8.96
C ASN B 281 -43.84 9.55 10.02
N GLN B 282 -44.11 9.88 11.27
CA GLN B 282 -43.73 9.02 12.39
C GLN B 282 -44.39 7.64 12.28
N GLU B 283 -45.52 7.57 11.58
CA GLU B 283 -46.26 6.32 11.44
C GLU B 283 -45.62 5.42 10.38
N GLN B 284 -45.22 6.04 9.27
CA GLN B 284 -44.51 5.32 8.21
C GLN B 284 -43.26 4.68 8.79
N LYS B 285 -42.46 5.48 9.48
CA LYS B 285 -41.17 5.04 10.00
C LYS B 285 -41.30 3.85 10.95
N LYS B 286 -42.32 3.84 11.80
CA LYS B 286 -42.49 2.74 12.75
C LYS B 286 -43.01 1.51 12.02
N GLU B 287 -43.88 1.74 11.04
CA GLU B 287 -44.42 0.64 10.24
C GLU B 287 -43.27 -0.07 9.56
N ILE B 288 -42.39 0.71 8.91
CA ILE B 288 -41.19 0.18 8.28
C ILE B 288 -40.26 -0.46 9.31
N ALA B 289 -40.03 0.23 10.41
CA ALA B 289 -39.19 -0.27 11.49
C ALA B 289 -39.55 -1.70 11.87
N ASP B 290 -40.84 -1.99 11.91
CA ASP B 290 -41.32 -3.36 12.18
C ASP B 290 -40.85 -4.30 11.08
N VAL B 291 -41.15 -3.95 9.82
CA VAL B 291 -40.75 -4.75 8.67
C VAL B 291 -39.29 -5.20 8.76
N LEU B 292 -38.39 -4.25 8.94
CA LEU B 292 -36.96 -4.54 8.95
C LEU B 292 -36.62 -5.61 9.98
N LEU B 293 -37.36 -5.64 11.08
CA LEU B 293 -37.13 -6.64 12.12
C LEU B 293 -37.66 -8.02 11.68
N GLU B 294 -38.89 -8.05 11.17
CA GLU B 294 -39.51 -9.31 10.77
C GLU B 294 -38.69 -9.99 9.68
N THR B 295 -38.13 -9.17 8.79
CA THR B 295 -37.30 -9.66 7.70
C THR B 295 -35.87 -9.96 8.18
N ASN B 296 -35.53 -9.46 9.37
CA ASN B 296 -34.19 -9.60 9.91
C ASN B 296 -33.13 -9.05 8.94
N ILE B 297 -33.35 -7.84 8.45
CA ILE B 297 -32.46 -7.25 7.47
C ILE B 297 -31.12 -6.94 8.14
N ASP B 298 -30.07 -6.79 7.33
CA ASP B 298 -28.71 -6.78 7.85
C ASP B 298 -28.25 -5.39 8.26
N GLY B 299 -28.94 -4.37 7.75
CA GLY B 299 -28.61 -2.99 8.08
C GLY B 299 -29.52 -2.03 7.34
N MET B 300 -29.56 -0.78 7.79
CA MET B 300 -30.34 0.25 7.09
C MET B 300 -29.48 1.48 6.87
N ILE B 301 -29.51 1.99 5.65
CA ILE B 301 -28.74 3.18 5.29
C ILE B 301 -29.60 4.43 5.46
N ILE B 302 -29.26 5.21 6.48
CA ILE B 302 -30.00 6.43 6.80
C ILE B 302 -29.09 7.65 6.56
N SER B 303 -29.38 8.51 5.57
CA SER B 303 -30.58 8.46 4.72
C SER B 303 -30.25 8.91 3.31
N ASN B 304 -31.30 9.08 2.51
CA ASN B 304 -31.17 9.62 1.16
C ASN B 304 -31.40 11.12 1.19
N THR B 305 -31.58 11.72 0.01
CA THR B 305 -31.81 13.16 -0.07
C THR B 305 -33.22 13.53 0.39
N THR B 306 -33.45 14.83 0.54
CA THR B 306 -34.73 15.34 1.03
C THR B 306 -35.30 16.44 0.15
N THR B 307 -36.63 16.51 0.10
CA THR B 307 -37.34 17.44 -0.77
C THR B 307 -37.92 18.61 0.02
N GLN B 308 -37.72 18.59 1.34
CA GLN B 308 -38.41 19.50 2.24
C GLN B 308 -37.55 20.67 2.71
N ILE B 309 -36.62 21.11 1.87
CA ILE B 309 -35.79 22.26 2.16
C ILE B 309 -36.09 23.42 1.20
N ASN B 310 -36.44 24.57 1.75
CA ASN B 310 -36.88 25.72 0.96
C ASN B 310 -36.10 27.01 1.21
N ASP B 311 -35.14 26.96 2.13
CA ASP B 311 -34.39 28.16 2.54
C ASP B 311 -33.05 28.30 1.84
N ILE B 312 -32.87 27.60 0.72
CA ILE B 312 -31.67 27.76 -0.10
C ILE B 312 -32.04 28.56 -1.34
N LYS B 313 -31.45 29.75 -1.43
CA LYS B 313 -31.86 30.74 -2.43
C LYS B 313 -31.58 30.30 -3.86
N SER B 314 -30.38 29.78 -4.12
CA SER B 314 -30.02 29.37 -5.47
C SER B 314 -30.83 28.18 -5.96
N PHE B 315 -31.51 27.49 -5.04
CA PHE B 315 -32.18 26.24 -5.35
C PHE B 315 -33.68 26.40 -5.58
N GLU B 316 -34.21 27.61 -5.38
CA GLU B 316 -35.66 27.79 -5.44
C GLU B 316 -36.31 27.49 -6.80
N ASN B 317 -35.58 27.71 -7.90
CA ASN B 317 -36.10 27.36 -9.22
C ASN B 317 -36.07 25.85 -9.49
N LYS B 318 -35.39 25.09 -8.63
CA LYS B 318 -34.91 23.73 -8.97
C LYS B 318 -35.76 22.67 -8.28
N LYS B 319 -35.93 21.55 -8.98
CA LYS B 319 -36.48 20.32 -8.41
C LYS B 319 -35.41 19.28 -8.10
N GLY B 320 -35.75 18.33 -7.24
CA GLY B 320 -34.85 17.23 -6.93
C GLY B 320 -34.77 16.97 -5.44
N GLY B 321 -33.77 16.21 -5.02
CA GLY B 321 -33.52 15.94 -3.61
C GLY B 321 -32.26 16.64 -3.17
N VAL B 322 -32.31 17.21 -1.97
CA VAL B 322 -31.20 17.99 -1.42
C VAL B 322 -30.28 17.15 -0.54
N SER B 323 -28.98 17.43 -0.63
CA SER B 323 -27.99 16.83 0.25
C SER B 323 -26.95 17.85 0.68
N GLY B 324 -26.15 17.46 1.67
CA GLY B 324 -25.08 18.32 2.18
C GLY B 324 -25.35 18.73 3.62
N ALA B 325 -24.90 19.93 3.98
CA ALA B 325 -24.97 20.39 5.36
C ALA B 325 -26.41 20.49 5.86
N LYS B 326 -27.29 21.07 5.05
CA LYS B 326 -28.67 21.32 5.45
C LYS B 326 -29.42 20.02 5.76
N LEU B 327 -28.91 18.91 5.25
CA LEU B 327 -29.52 17.59 5.47
C LEU B 327 -29.02 16.96 6.77
N LYS B 328 -28.01 17.59 7.37
CA LYS B 328 -27.30 16.99 8.50
C LYS B 328 -28.19 16.72 9.71
N ASP B 329 -28.85 17.76 10.21
CA ASP B 329 -29.65 17.65 11.43
C ASP B 329 -30.89 16.80 11.23
N ILE B 330 -31.48 16.88 10.05
CA ILE B 330 -32.61 16.03 9.70
C ILE B 330 -32.19 14.57 9.70
N SER B 331 -31.07 14.30 9.04
CA SER B 331 -30.54 12.96 8.92
C SER B 331 -30.28 12.34 10.29
N THR B 332 -29.56 13.05 11.15
CA THR B 332 -29.24 12.55 12.48
C THR B 332 -30.49 12.18 13.26
N LYS B 333 -31.49 13.05 13.25
CA LYS B 333 -32.75 12.77 13.95
C LYS B 333 -33.36 11.46 13.46
N PHE B 334 -33.37 11.27 12.14
CA PHE B 334 -33.94 10.08 11.53
C PHE B 334 -33.24 8.82 12.04
N ILE B 335 -31.96 8.95 12.37
CA ILE B 335 -31.20 7.82 12.87
C ILE B 335 -31.66 7.49 14.28
N CYS B 336 -31.83 8.53 15.10
CA CYS B 336 -32.27 8.36 16.46
C CYS B 336 -33.62 7.64 16.52
N GLU B 337 -34.54 8.08 15.65
CA GLU B 337 -35.87 7.51 15.59
C GLU B 337 -35.82 6.02 15.26
N MET B 338 -35.25 5.70 14.09
CA MET B 338 -35.19 4.33 13.63
C MET B 338 -34.36 3.45 14.56
N TYR B 339 -33.38 4.06 15.22
CA TYR B 339 -32.55 3.34 16.17
C TYR B 339 -33.42 2.89 17.33
N ASN B 340 -34.30 3.77 17.78
CA ASN B 340 -35.24 3.47 18.86
C ASN B 340 -36.31 2.50 18.41
N TYR B 341 -36.91 2.80 17.25
CA TYR B 341 -38.00 1.99 16.74
C TYR B 341 -37.57 0.55 16.46
N THR B 342 -36.33 0.37 16.00
CA THR B 342 -35.80 -0.97 15.77
C THR B 342 -35.20 -1.57 17.05
N ASN B 343 -35.15 -0.78 18.12
CA ASN B 343 -34.61 -1.24 19.40
C ASN B 343 -33.15 -1.72 19.31
N LYS B 344 -32.39 -1.12 18.39
CA LYS B 344 -30.93 -1.28 18.23
C LYS B 344 -30.56 -2.67 17.68
N GLN B 345 -31.51 -3.34 17.02
CA GLN B 345 -31.25 -4.67 16.46
C GLN B 345 -30.74 -4.62 15.05
N ILE B 346 -31.07 -3.57 14.32
CA ILE B 346 -30.64 -3.48 12.93
C ILE B 346 -29.50 -2.47 12.86
N PRO B 347 -28.33 -2.85 12.32
CA PRO B 347 -27.20 -1.91 12.29
C PRO B 347 -27.51 -0.74 11.37
N ILE B 348 -26.96 0.43 11.66
CA ILE B 348 -27.25 1.62 10.86
C ILE B 348 -26.00 2.19 10.17
N ILE B 349 -26.22 2.67 8.95
CA ILE B 349 -25.17 3.28 8.14
C ILE B 349 -25.53 4.73 7.89
N ALA B 350 -24.63 5.63 8.27
CA ALA B 350 -24.95 7.05 8.27
C ALA B 350 -24.64 7.70 6.92
N SER B 351 -25.51 8.61 6.51
CA SER B 351 -25.32 9.41 5.30
C SER B 351 -26.14 10.68 5.44
N GLY B 352 -25.49 11.83 5.25
CA GLY B 352 -26.20 13.10 5.25
C GLY B 352 -25.48 14.20 6.02
N GLY B 353 -24.85 15.09 5.27
CA GLY B 353 -24.14 16.22 5.84
C GLY B 353 -23.00 15.90 6.79
N ILE B 354 -22.18 14.92 6.42
CA ILE B 354 -21.00 14.58 7.21
C ILE B 354 -19.78 15.21 6.56
N PHE B 355 -19.16 16.13 7.27
CA PHE B 355 -18.00 16.86 6.76
C PHE B 355 -16.82 16.75 7.71
N SER B 356 -17.11 16.64 9.00
CA SER B 356 -16.10 16.71 10.04
C SER B 356 -16.12 15.49 10.94
N GLY B 357 -15.07 15.33 11.73
CA GLY B 357 -14.98 14.24 12.68
C GLY B 357 -16.06 14.39 13.73
N LEU B 358 -16.47 15.63 13.93
CA LEU B 358 -17.55 15.94 14.86
C LEU B 358 -18.88 15.48 14.28
N ASP B 359 -19.19 15.92 13.06
CA ASP B 359 -20.38 15.46 12.35
C ASP B 359 -20.45 13.94 12.41
N ALA B 360 -19.31 13.30 12.18
CA ALA B 360 -19.23 11.85 12.15
C ALA B 360 -19.60 11.26 13.50
N LEU B 361 -19.19 11.92 14.58
CA LEU B 361 -19.39 11.40 15.92
C LEU B 361 -20.84 11.53 16.36
N GLU B 362 -21.52 12.55 15.85
CA GLU B 362 -22.95 12.71 16.12
C GLU B 362 -23.72 11.53 15.57
N LYS B 363 -23.37 11.11 14.35
CA LYS B 363 -24.02 9.99 13.71
C LYS B 363 -23.77 8.71 14.49
N ILE B 364 -22.55 8.59 15.01
CA ILE B 364 -22.15 7.38 15.71
C ILE B 364 -22.86 7.30 17.05
N GLU B 365 -22.79 8.37 17.82
CA GLU B 365 -23.46 8.43 19.12
C GLU B 365 -24.96 8.28 18.95
N ALA B 366 -25.51 8.83 17.86
CA ALA B 366 -26.93 8.72 17.56
C ALA B 366 -27.37 7.27 17.32
N GLY B 367 -26.45 6.43 16.84
CA GLY B 367 -26.72 5.02 16.66
C GLY B 367 -26.08 4.39 15.43
N ALA B 368 -25.33 5.17 14.67
CA ALA B 368 -24.67 4.67 13.47
C ALA B 368 -23.39 3.91 13.77
N SER B 369 -23.14 2.86 12.99
CA SER B 369 -21.90 2.09 13.06
C SER B 369 -20.89 2.59 12.04
N VAL B 370 -21.39 3.08 10.91
CA VAL B 370 -20.56 3.45 9.77
C VAL B 370 -21.06 4.75 9.17
N CYS B 371 -20.18 5.49 8.51
CA CYS B 371 -20.55 6.76 7.87
C CYS B 371 -20.27 6.72 6.38
N GLN B 372 -21.11 7.37 5.60
CA GLN B 372 -20.87 7.55 4.17
C GLN B 372 -20.78 9.02 3.79
N LEU B 373 -19.81 9.34 2.94
CA LEU B 373 -19.60 10.69 2.46
C LEU B 373 -20.02 10.85 1.01
N TYR B 374 -20.54 12.03 0.67
CA TYR B 374 -20.74 12.41 -0.72
C TYR B 374 -20.39 13.89 -0.88
N SER B 375 -21.19 14.75 -0.25
CA SER B 375 -21.04 16.19 -0.41
C SER B 375 -19.69 16.68 0.09
N CYS B 376 -19.13 15.97 1.05
CA CYS B 376 -17.85 16.36 1.62
C CYS B 376 -16.77 16.32 0.56
N LEU B 377 -16.77 15.26 -0.25
CA LEU B 377 -15.82 15.14 -1.35
C LEU B 377 -15.97 16.27 -2.37
N VAL B 378 -17.19 16.76 -2.53
CA VAL B 378 -17.43 17.87 -3.46
C VAL B 378 -16.83 19.18 -2.95
N PHE B 379 -17.03 19.48 -1.67
CA PHE B 379 -16.68 20.78 -1.10
C PHE B 379 -15.33 20.82 -0.39
N ASN B 380 -14.91 19.69 0.17
CA ASN B 380 -13.62 19.61 0.85
C ASN B 380 -12.53 18.87 0.07
N GLY B 381 -12.93 18.16 -0.98
CA GLY B 381 -11.97 17.57 -1.88
C GLY B 381 -11.43 16.21 -1.48
N MET B 382 -10.28 15.87 -2.04
CA MET B 382 -9.70 14.53 -1.95
C MET B 382 -9.12 14.20 -0.57
N LYS B 383 -8.91 15.23 0.24
CA LYS B 383 -8.34 15.04 1.57
C LYS B 383 -9.38 14.55 2.56
N SER B 384 -10.63 14.45 2.13
CA SER B 384 -11.76 14.30 3.05
C SER B 384 -11.65 13.07 3.94
N ALA B 385 -11.07 12.00 3.40
CA ALA B 385 -11.00 10.74 4.14
C ALA B 385 -9.90 10.82 5.19
N VAL B 386 -8.73 11.28 4.76
CA VAL B 386 -7.60 11.47 5.66
C VAL B 386 -7.97 12.44 6.77
N GLN B 387 -8.53 13.58 6.38
CA GLN B 387 -8.88 14.63 7.33
C GLN B 387 -9.92 14.18 8.36
N ILE B 388 -10.99 13.55 7.89
CA ILE B 388 -12.10 13.22 8.78
C ILE B 388 -11.72 12.06 9.72
N LYS B 389 -10.79 11.22 9.27
CA LYS B 389 -10.36 10.09 10.09
C LYS B 389 -9.48 10.63 11.22
N ARG B 390 -8.67 11.63 10.88
CA ARG B 390 -7.84 12.33 11.86
C ARG B 390 -8.73 12.94 12.93
N GLU B 391 -9.67 13.74 12.47
CA GLU B 391 -10.58 14.48 13.35
C GLU B 391 -11.38 13.55 14.25
N LEU B 392 -11.74 12.37 13.76
CA LEU B 392 -12.57 11.46 14.54
C LEU B 392 -11.73 10.74 15.59
N ASN B 393 -10.53 10.34 15.21
CA ASN B 393 -9.64 9.66 16.13
C ASN B 393 -9.32 10.55 17.33
N HIS B 394 -9.09 11.82 17.06
CA HIS B 394 -8.71 12.79 18.09
C HIS B 394 -9.89 13.04 19.02
N LEU B 395 -11.09 13.11 18.43
CA LEU B 395 -12.29 13.35 19.23
C LEU B 395 -12.58 12.16 20.13
N LEU B 396 -12.44 10.94 19.59
CA LEU B 396 -12.69 9.74 20.39
C LEU B 396 -11.81 9.75 21.64
N TYR B 397 -10.60 10.28 21.51
CA TYR B 397 -9.69 10.42 22.64
C TYR B 397 -10.22 11.43 23.65
N GLN B 398 -10.41 12.66 23.20
CA GLN B 398 -10.84 13.77 24.05
C GLN B 398 -12.18 13.52 24.72
N ARG B 399 -13.00 12.67 24.09
CA ARG B 399 -14.29 12.28 24.66
C ARG B 399 -14.13 11.02 25.51
N GLY B 400 -12.90 10.53 25.62
CA GLY B 400 -12.56 9.47 26.55
C GLY B 400 -13.05 8.09 26.10
N TYR B 401 -13.33 7.95 24.82
CA TYR B 401 -13.73 6.65 24.26
C TYR B 401 -12.52 5.73 24.05
N TYR B 402 -12.66 4.47 24.46
CA TYR B 402 -11.63 3.47 24.20
C TYR B 402 -11.52 3.21 22.71
N ASN B 403 -12.65 2.84 22.09
CA ASN B 403 -12.74 2.69 20.64
C ASN B 403 -14.07 3.22 20.12
N LEU B 404 -14.26 3.13 18.80
CA LEU B 404 -15.44 3.70 18.16
C LEU B 404 -16.70 2.94 18.52
N LYS B 405 -16.60 1.62 18.57
CA LYS B 405 -17.75 0.75 18.88
C LYS B 405 -18.37 1.09 20.22
N GLU B 406 -17.53 1.59 21.14
CA GLU B 406 -17.99 1.94 22.48
C GLU B 406 -18.92 3.15 22.41
N ALA B 407 -18.76 3.97 21.37
CA ALA B 407 -19.50 5.22 21.27
C ALA B 407 -20.82 5.04 20.51
N ILE B 408 -20.99 3.88 19.87
CA ILE B 408 -22.15 3.65 19.02
C ILE B 408 -23.45 3.65 19.84
N GLY B 409 -24.35 4.55 19.49
CA GLY B 409 -25.69 4.58 20.08
C GLY B 409 -25.75 5.11 21.49
N ARG B 410 -24.78 5.96 21.84
CA ARG B 410 -24.71 6.54 23.17
C ARG B 410 -25.59 7.79 23.26
F7 D65 C . 15.62 4.24 -8.91
S1 D65 C . 15.86 5.59 -8.11
F4 D65 C . 16.10 6.95 -7.29
F5 D65 C . 14.35 5.57 -7.61
F3 D65 C . 15.42 6.44 -9.38
F6 D65 C . 16.29 4.75 -6.82
C5 D65 C . 17.42 5.63 -8.61
C4 D65 C . 18.46 5.90 -7.73
C3 D65 C . 19.77 5.91 -8.19
C6 D65 C . 17.72 5.38 -9.95
C1 D65 C . 19.02 5.35 -10.38
C2 D65 C . 20.06 5.70 -9.53
N1 D65 C . 21.34 5.79 -9.93
C7 D65 C . 21.84 6.36 -11.08
C8 D65 C . 21.11 6.81 -12.20
C9 D65 C . 21.77 7.28 -13.33
C10 D65 C . 20.96 7.75 -14.52
N2 D65 C . 23.18 6.42 -11.19
C11 D65 C . 23.77 6.88 -12.29
N5 D65 C . 23.11 7.31 -13.38
N3 D65 C . 24.09 6.03 -10.20
C12 D65 C . 25.24 6.32 -10.85
N4 D65 C . 25.11 6.82 -12.09
C13 D65 C . 26.57 6.07 -10.22
F1 D65 C . 26.43 5.86 -8.93
F2 D65 C . 27.39 7.08 -10.44
C14 D65 C . 27.12 4.79 -10.87
H1 D65 C . 18.26 6.09 -6.68
H2 D65 C . 20.58 6.10 -7.49
H3 D65 C . 16.91 5.18 -10.65
H4 D65 C . 19.23 5.21 -11.43
H5 D65 C . 22.10 5.73 -9.33
H6 D65 C . 20.03 6.78 -12.18
H7 D65 C . 21.62 8.15 -15.25
H8 D65 C . 20.28 8.50 -14.21
H9 D65 C . 20.43 6.93 -14.93
H10 D65 C . 28.10 4.61 -10.52
H11 D65 C . 27.13 4.90 -11.92
H12 D65 C . 26.49 3.97 -10.61
N1 FMN D . 29.23 -2.00 -1.12
C2 FMN D . 29.32 -1.91 0.26
O2 FMN D . 29.29 -2.93 0.94
N3 FMN D . 29.43 -0.68 0.86
C4 FMN D . 29.45 0.47 0.09
O4 FMN D . 29.55 1.56 0.64
C4A FMN D . 29.37 0.37 -1.29
N5 FMN D . 29.39 1.51 -2.06
C5A FMN D . 29.31 1.42 -3.44
C6 FMN D . 29.32 2.59 -4.20
C7 FMN D . 29.24 2.53 -5.59
C7M FMN D . 29.27 3.81 -6.36
C8 FMN D . 29.13 1.29 -6.21
C8M FMN D . 29.03 1.17 -7.70
C9 FMN D . 29.10 0.12 -5.45
C9A FMN D . 29.19 0.18 -4.06
N10 FMN D . 29.17 -0.98 -3.28
C10 FMN D . 29.25 -0.87 -1.90
C1' FMN D . 29.06 -2.35 -3.90
C2' FMN D . 27.61 -2.80 -4.08
O2' FMN D . 27.02 -2.98 -2.82
C3' FMN D . 27.52 -4.13 -4.83
O3' FMN D . 28.03 -5.16 -4.01
C4' FMN D . 28.26 -4.13 -6.16
O4' FMN D . 28.03 -2.90 -6.82
C5' FMN D . 27.83 -5.26 -7.07
O5' FMN D . 26.47 -5.11 -7.40
P FMN D . 26.01 -5.01 -8.94
O1P FMN D . 26.13 -3.56 -9.35
O2P FMN D . 24.58 -5.47 -9.08
O3P FMN D . 26.89 -5.85 -9.82
HN3 FMN D . 29.40 -0.61 1.90
H6 FMN D . 29.40 3.55 -3.70
HM71 FMN D . 29.19 3.59 -7.44
HM72 FMN D . 30.21 4.33 -6.17
HM73 FMN D . 28.43 4.44 -6.07
HM81 FMN D . 28.95 0.13 -7.98
HM82 FMN D . 29.93 1.61 -8.15
HM83 FMN D . 28.15 1.72 -8.04
H9 FMN D . 29.01 -0.84 -5.95
H1'1 FMN D . 29.58 -3.07 -3.28
H1'2 FMN D . 29.56 -2.34 -4.87
H2' FMN D . 27.07 -2.04 -4.65
HO2' FMN D . 26.70 -3.91 -2.74
H3' FMN D . 26.46 -4.34 -5.03
HO3' FMN D . 28.75 -5.63 -4.48
H4' FMN D . 29.32 -4.24 -5.96
HO4' FMN D . 27.66 -3.07 -7.71
H5'1 FMN D . 27.98 -6.22 -6.56
H5'2 FMN D . 28.43 -5.26 -7.98
N1 ORO E . 33.09 1.02 -2.91
C2 ORO E . 32.97 -0.28 -3.30
O2 ORO E . 33.08 -0.57 -4.47
N3 ORO E . 32.73 -1.26 -2.37
C4 ORO E . 32.61 -0.94 -1.08
O4 ORO E . 32.39 -1.80 -0.27
C5 ORO E . 32.73 0.37 -0.68
C6 ORO E . 32.98 1.34 -1.60
C7 ORO E . 33.11 2.80 -1.16
O71 ORO E . 34.21 3.37 -1.21
O72 ORO E . 32.10 3.42 -0.73
HN1 ORO E . 33.26 1.70 -3.55
HN3 ORO E . 32.64 -2.16 -2.65
H5 ORO E . 32.65 0.61 0.30
F7 D65 F . -12.29 12.89 -4.94
S1 D65 F . -12.33 12.43 -6.47
F4 D65 F . -12.39 11.97 -8.00
F5 D65 F . -11.03 11.54 -6.24
F3 D65 F . -11.42 13.67 -6.87
F6 D65 F . -13.25 11.19 -6.07
C5 D65 F . -13.68 13.35 -6.70
C4 D65 F . -14.80 12.82 -7.35
C3 D65 F . -15.92 13.60 -7.53
C6 D65 F . -13.72 14.66 -6.24
C1 D65 F . -14.87 15.41 -6.39
C2 D65 F . -15.94 14.93 -7.12
N1 D65 F . -17.06 15.65 -7.36
C7 D65 F . -17.18 16.96 -7.75
C8 D65 F . -16.16 17.93 -7.79
C9 D65 F . -16.45 19.26 -8.09
C10 D65 F . -15.36 20.29 -8.13
N2 D65 F . -18.43 17.41 -8.00
C11 D65 F . -18.67 18.68 -8.28
N5 D65 F . -17.72 19.63 -8.34
N3 D65 F . -19.59 16.62 -8.00
C12 D65 F . -20.49 17.57 -8.32
N4 D65 F . -20.01 18.82 -8.49
C13 D65 F . -21.95 17.26 -8.44
F1 D65 F . -22.13 15.95 -8.44
F2 D65 F . -22.45 17.78 -9.54
C14 D65 F . -22.64 17.84 -7.22
H1 D65 F . -14.78 11.79 -7.70
H2 D65 F . -16.79 13.17 -8.02
H3 D65 F . -12.86 15.09 -5.75
H4 D65 F . -14.87 16.45 -6.08
H5 D65 F . -17.91 15.25 -7.59
H6 D65 F . -15.14 17.64 -7.58
H7 D65 F . -15.75 21.22 -8.46
H8 D65 F . -14.94 20.40 -7.17
H9 D65 F . -14.61 19.98 -8.82
H10 D65 F . -23.69 17.71 -7.31
H11 D65 F . -22.41 18.87 -7.14
H12 D65 F . -22.29 17.35 -6.35
N1 FMN G . -28.20 7.79 -3.40
C2 FMN G . -28.52 6.52 -3.84
O2 FMN G . -28.91 5.68 -3.04
N3 FMN G . -28.40 6.21 -5.18
C4 FMN G . -27.98 7.16 -6.08
O4 FMN G . -27.88 6.90 -7.28
C4A FMN G . -27.66 8.44 -5.63
N5 FMN G . -27.23 9.39 -6.53
C5A FMN G . -26.92 10.64 -6.10
C6 FMN G . -26.48 11.58 -7.03
C7 FMN G . -26.15 12.88 -6.62
C7M FMN G . -25.69 13.87 -7.66
C8 FMN G . -26.26 13.21 -5.28
C8M FMN G . -25.91 14.58 -4.80
C9 FMN G . -26.68 12.27 -4.35
C9A FMN G . -27.02 10.98 -4.75
N10 FMN G . -27.45 10.02 -3.84
C10 FMN G . -27.77 8.75 -4.29
C1' FMN G . -27.59 10.34 -2.36
C2' FMN G . -26.25 10.17 -1.67
O2' FMN G . -25.85 8.82 -1.75
C3' FMN G . -26.31 10.55 -0.20
O3' FMN G . -27.15 9.67 0.49
C4' FMN G . -26.81 11.97 0.02
O4' FMN G . -26.26 12.84 -0.94
C5' FMN G . -26.44 12.47 1.41
O5' FMN G . -25.03 12.52 1.47
P FMN G . -24.25 13.86 1.93
O1P FMN G . -23.69 14.50 0.68
O2P FMN G . -23.12 13.48 2.86
O3P FMN G . -25.19 14.82 2.61
HN3 FMN G . -28.64 5.26 -5.51
H6 FMN G . -26.40 11.31 -8.08
HM71 FMN G . -25.47 14.82 -7.18
HM72 FMN G . -26.46 14.01 -8.40
HM73 FMN G . -24.78 13.49 -8.15
HM81 FMN G . -26.06 14.65 -3.72
HM82 FMN G . -26.55 15.31 -5.30
HM83 FMN G . -24.87 14.80 -5.04
H9 FMN G . -26.76 12.54 -3.30
H1'1 FMN G . -28.32 9.67 -1.92
H1'2 FMN G . -27.94 11.36 -2.25
H2' FMN G . -25.51 10.81 -2.16
HO2' FMN G . -25.70 8.47 -0.84
H3' FMN G . -25.29 10.48 0.21
HO3' FMN G . -27.86 10.17 0.95
H4' FMN G . -27.90 11.96 -0.06
HO4' FMN G . -25.77 13.56 -0.50
H5'1 FMN G . -26.82 11.80 2.17
H5'2 FMN G . -26.86 13.47 1.58
N1 ORO H . -30.79 10.97 -6.60
C2 ORO H . -30.87 11.03 -5.24
O2 ORO H . -30.83 12.10 -4.67
N3 ORO H . -31.01 9.87 -4.51
C4 ORO H . -31.05 8.69 -5.14
O4 ORO H . -31.17 7.68 -4.49
C5 ORO H . -30.97 8.63 -6.51
C6 ORO H . -30.85 9.79 -7.23
C7 ORO H . -30.75 9.72 -8.75
O71 ORO H . -31.51 10.44 -9.45
O72 ORO H . -29.93 8.94 -9.31
HN1 ORO H . -30.71 11.77 -7.11
HN3 ORO H . -31.06 9.92 -3.57
H5 ORO H . -31.01 7.74 -6.98
#